data_3WCU
#
_entry.id   3WCU
#
_cell.length_a   108.872
_cell.length_b   108.872
_cell.length_c   195.157
_cell.angle_alpha   90.00
_cell.angle_beta   90.00
_cell.angle_gamma   120.00
#
_symmetry.space_group_name_H-M   'P 63'
#
loop_
_entity.id
_entity.type
_entity.pdbx_description
1 polymer 'A1 globin chain of giant V2 hemoglobin'
2 polymer 'A2 globin chain of giant V2 hemoglobin'
3 polymer 'B2 globin chain of giant V2 hemoglobin'
4 polymer 'B1 globin chain of giant V2 hemoglobin'
5 branched alpha-D-mannopyranose-(1-3)-[alpha-D-mannopyranose-(1-6)]alpha-D-mannopyranose-(1-4)-2-acetamido-2-deoxy-beta-D-glucopyranose-(1-4)-[alpha-L-fucopyranose-(1-6)]2-acetamido-2-deoxy-beta-D-glucopyranose
6 non-polymer 'PROTOPORPHYRIN IX CONTAINING FE'
7 non-polymer 'CALCIUM ION'
#
loop_
_entity_poly.entity_id
_entity_poly.type
_entity_poly.pdbx_seq_one_letter_code
_entity_poly.pdbx_strand_id
1 'polypeptide(L)'
;DCNILQRLKVKMQWAKAYGFGTERAKFGNSLWTSIFNYAPDARDLFKSVKSEDMRSPQFKAHIARVIGGLDRVISMFDNE
DALNADLEHLKSQHDPRGLDALNFVVFGKALFATVGGQFGVCFDLPAWESCYKVIAMGITGNDMFS
;
A,E
2 'polypeptide(L)'
;SECGPLQRLKVKRQWAEAYGSGNGREEFGHFIWANVFKVAPSARDMFKRVRGDNIYTPAFRAHATRVLGGLDMCVALLDD
ESVLNTQLAHLASQHSSRGVSAEQYNVVEHAVMMGVEHEIGQNVFDKDAWQACLDVITSGIQGN
;
B,F
3 'polypeptide(L)'
;SSNSCTTEDRREMQLMWANVWSAQFTGRRLAIAQAVFKDLFAHVPDAVGLFDRVHGTEIDSSEFKAHCIRVVNGLDSAIG
LLSDPSTLNEQLSHLATQHQERAGVTKGGFSAIAQSFLRVMPQVASCFNPDAWSRCFNRITNGMTEGLAE
;
C,G
4 'polypeptide(L)'
;SEFCSEADATIVIKQWNQIYNAGIGAKSRWTMGNEIFSSLFKLKPESEVLFNNVNVANMSSGAFHAHTVRVLSGLDMGIN
YLNDAGTLTSLTAHLAAQHVARTGLKAVYFDAMGKVLMTVLPSLIDNFNPDAWRNCLLPLKNAIAKGLP
;
D,H
#
# COMPACT_ATOMS: atom_id res chain seq x y z
N ASP A 1 5.89 19.06 -13.53
CA ASP A 1 5.18 19.19 -12.24
C ASP A 1 6.10 19.04 -11.04
N CYS A 2 5.73 18.13 -10.11
CA CYS A 2 6.42 17.90 -8.83
C CYS A 2 6.74 19.24 -8.13
N ASN A 3 5.72 20.07 -8.00
CA ASN A 3 5.85 21.40 -7.36
C ASN A 3 6.30 21.20 -5.92
N ILE A 4 6.75 22.25 -5.24
CA ILE A 4 7.17 22.09 -3.84
C ILE A 4 6.16 21.42 -2.89
N LEU A 5 4.86 21.69 -3.06
CA LEU A 5 3.81 21.10 -2.23
C LEU A 5 3.93 19.57 -2.19
N GLN A 6 4.05 18.96 -3.37
CA GLN A 6 4.21 17.52 -3.48
C GLN A 6 5.57 17.05 -3.00
N ARG A 7 6.58 17.90 -3.13
CA ARG A 7 7.92 17.55 -2.69
C ARG A 7 7.89 17.42 -1.16
N LEU A 8 7.33 18.42 -0.48
CA LEU A 8 7.22 18.36 0.98
C LEU A 8 6.40 17.13 1.40
N LYS A 9 5.47 16.73 0.54
CA LYS A 9 4.61 15.57 0.80
C LYS A 9 5.35 14.27 0.62
N VAL A 10 5.94 14.07 -0.55
CA VAL A 10 6.68 12.85 -0.80
C VAL A 10 7.74 12.69 0.29
N LYS A 11 8.23 13.79 0.84
CA LYS A 11 9.22 13.68 1.90
C LYS A 11 8.60 13.03 3.13
N MET A 12 7.42 13.52 3.54
CA MET A 12 6.76 12.97 4.72
C MET A 12 6.35 11.51 4.53
N GLN A 13 5.65 11.22 3.44
CA GLN A 13 5.24 9.84 3.21
C GLN A 13 6.48 8.94 3.23
N TRP A 14 7.55 9.37 2.56
CA TRP A 14 8.78 8.58 2.55
C TRP A 14 9.33 8.38 3.95
N ALA A 15 9.73 9.48 4.59
CA ALA A 15 10.28 9.41 5.93
C ALA A 15 9.50 8.45 6.81
N LYS A 16 8.19 8.43 6.61
CA LYS A 16 7.32 7.57 7.38
C LYS A 16 7.50 6.11 6.97
N ALA A 17 7.30 5.82 5.69
CA ALA A 17 7.43 4.45 5.21
C ALA A 17 8.82 3.87 5.38
N TYR A 18 9.86 4.67 5.20
CA TYR A 18 11.23 4.19 5.32
C TYR A 18 11.63 3.79 6.74
N GLY A 19 11.07 4.50 7.73
CA GLY A 19 11.37 4.21 9.12
C GLY A 19 12.82 4.41 9.46
N PHE A 20 13.23 3.93 10.62
CA PHE A 20 14.61 4.05 11.05
C PHE A 20 15.11 2.72 11.64
N GLY A 21 16.42 2.57 11.85
CA GLY A 21 16.95 1.35 12.39
C GLY A 21 16.73 0.13 11.50
N THR A 22 16.25 -0.95 12.10
CA THR A 22 16.01 -2.19 11.37
C THR A 22 15.00 -1.96 10.26
N GLU A 23 14.07 -1.04 10.50
CA GLU A 23 13.02 -0.72 9.53
C GLU A 23 13.64 -0.52 8.15
N ARG A 24 14.70 0.28 8.10
CA ARG A 24 15.36 0.57 6.85
C ARG A 24 15.83 -0.66 6.10
N ALA A 25 16.59 -1.51 6.77
CA ALA A 25 17.08 -2.71 6.13
C ALA A 25 15.88 -3.51 5.59
N LYS A 26 14.86 -3.67 6.41
CA LYS A 26 13.68 -4.41 6.00
C LYS A 26 12.96 -3.80 4.81
N PHE A 27 12.78 -2.49 4.82
CA PHE A 27 12.09 -1.83 3.72
C PHE A 27 12.86 -2.05 2.42
N GLY A 28 14.18 -1.94 2.49
CA GLY A 28 15.01 -2.12 1.32
C GLY A 28 14.99 -3.52 0.77
N ASN A 29 14.93 -4.51 1.65
CA ASN A 29 14.91 -5.86 1.17
C ASN A 29 13.64 -6.16 0.37
N SER A 30 12.54 -5.48 0.74
CA SER A 30 11.25 -5.66 0.08
C SER A 30 11.25 -4.94 -1.26
N LEU A 31 11.89 -3.78 -1.30
CA LEU A 31 11.96 -3.00 -2.51
C LEU A 31 12.77 -3.80 -3.52
N TRP A 32 13.95 -4.29 -3.15
CA TRP A 32 14.75 -5.08 -4.09
C TRP A 32 14.14 -6.43 -4.43
N THR A 33 13.39 -7.03 -3.53
CA THR A 33 12.78 -8.29 -3.90
C THR A 33 11.69 -7.96 -4.91
N SER A 34 11.24 -6.71 -4.89
CA SER A 34 10.23 -6.29 -5.82
C SER A 34 10.89 -6.08 -7.19
N ILE A 35 12.06 -5.44 -7.17
CA ILE A 35 12.77 -5.20 -8.42
C ILE A 35 13.14 -6.48 -9.15
N PHE A 36 13.74 -7.43 -8.45
CA PHE A 36 14.12 -8.69 -9.09
C PHE A 36 12.94 -9.59 -9.50
N ASN A 37 11.72 -9.26 -9.09
CA ASN A 37 10.55 -10.06 -9.48
C ASN A 37 9.82 -9.35 -10.61
N TYR A 38 10.01 -8.04 -10.68
CA TYR A 38 9.42 -7.22 -11.74
C TYR A 38 10.26 -7.47 -13.00
N ALA A 39 11.57 -7.64 -12.78
CA ALA A 39 12.50 -7.84 -13.87
C ALA A 39 13.62 -8.83 -13.50
N PRO A 40 13.33 -10.13 -13.40
CA PRO A 40 14.37 -11.12 -13.05
C PRO A 40 15.78 -10.77 -13.54
N ASP A 41 15.88 -10.42 -14.82
CA ASP A 41 17.16 -10.07 -15.45
C ASP A 41 17.95 -8.99 -14.73
N ALA A 42 17.26 -7.96 -14.27
CA ALA A 42 17.89 -6.84 -13.59
C ALA A 42 18.92 -7.29 -12.54
N ARG A 43 18.74 -8.50 -12.02
CA ARG A 43 19.61 -9.05 -10.99
C ARG A 43 21.08 -9.25 -11.35
N ASP A 44 21.33 -9.82 -12.53
CA ASP A 44 22.68 -10.07 -13.00
C ASP A 44 23.54 -8.84 -13.15
N LEU A 45 22.90 -7.68 -13.07
CA LEU A 45 23.63 -6.43 -13.19
C LEU A 45 24.36 -6.11 -11.89
N PHE A 46 24.13 -6.92 -10.85
CA PHE A 46 24.75 -6.68 -9.55
C PHE A 46 25.64 -7.80 -9.01
N LYS A 47 26.19 -8.62 -9.90
CA LYS A 47 27.05 -9.73 -9.49
C LYS A 47 28.21 -9.28 -8.59
N SER A 48 28.73 -8.08 -8.86
CA SER A 48 29.85 -7.53 -8.09
C SER A 48 29.55 -7.29 -6.60
N VAL A 49 28.27 -7.21 -6.24
CA VAL A 49 27.90 -7.01 -4.85
C VAL A 49 27.18 -8.24 -4.31
N LYS A 50 27.61 -9.41 -4.79
CA LYS A 50 27.03 -10.68 -4.37
C LYS A 50 25.52 -10.81 -4.51
N SER A 51 24.95 -10.32 -5.62
CA SER A 51 23.51 -10.41 -5.84
C SER A 51 23.06 -11.86 -6.07
N GLU A 52 23.94 -12.81 -5.80
CA GLU A 52 23.59 -14.21 -5.96
C GLU A 52 22.67 -14.55 -4.78
N ASP A 53 22.94 -13.89 -3.65
CA ASP A 53 22.15 -14.07 -2.43
C ASP A 53 21.86 -12.70 -1.80
N MET A 54 20.57 -12.38 -1.72
CA MET A 54 20.12 -11.11 -1.18
C MET A 54 20.37 -10.91 0.30
N ARG A 55 20.61 -12.01 1.03
CA ARG A 55 20.84 -11.94 2.47
C ARG A 55 22.32 -11.75 2.81
N SER A 56 23.20 -11.94 1.83
CA SER A 56 24.63 -11.77 2.06
C SER A 56 24.93 -10.32 2.43
N PRO A 57 25.75 -10.09 3.47
CA PRO A 57 26.08 -8.73 3.89
C PRO A 57 26.58 -7.86 2.75
N GLN A 58 27.12 -8.48 1.71
CA GLN A 58 27.62 -7.73 0.56
C GLN A 58 26.46 -6.97 -0.08
N PHE A 59 25.39 -7.70 -0.34
CA PHE A 59 24.20 -7.15 -0.98
C PHE A 59 23.32 -6.33 -0.04
N LYS A 60 23.28 -6.70 1.24
CA LYS A 60 22.49 -5.94 2.18
C LYS A 60 23.11 -4.55 2.26
N ALA A 61 24.44 -4.50 2.15
CA ALA A 61 25.16 -3.24 2.21
C ALA A 61 24.87 -2.41 0.98
N HIS A 62 24.69 -3.08 -0.15
CA HIS A 62 24.38 -2.37 -1.40
C HIS A 62 23.01 -1.73 -1.23
N ILE A 63 22.05 -2.52 -0.75
CA ILE A 63 20.71 -2.01 -0.54
C ILE A 63 20.82 -0.80 0.37
N ALA A 64 21.63 -0.92 1.42
CA ALA A 64 21.82 0.15 2.37
C ALA A 64 22.37 1.39 1.69
N ARG A 65 23.25 1.19 0.72
CA ARG A 65 23.86 2.29 -0.01
C ARG A 65 22.90 3.01 -0.96
N VAL A 66 22.14 2.25 -1.73
CA VAL A 66 21.20 2.79 -2.71
C VAL A 66 19.97 3.49 -2.17
N ILE A 67 19.11 2.76 -1.49
CA ILE A 67 17.93 3.41 -0.97
C ILE A 67 18.38 4.36 0.12
N GLY A 68 19.64 4.19 0.54
CA GLY A 68 20.20 5.09 1.53
C GLY A 68 20.38 6.36 0.74
N GLY A 69 20.75 6.21 -0.53
CA GLY A 69 20.92 7.36 -1.39
C GLY A 69 19.54 7.92 -1.69
N LEU A 70 18.63 7.06 -2.11
CA LEU A 70 17.28 7.49 -2.40
C LEU A 70 16.83 8.39 -1.27
N ASP A 71 17.08 7.96 -0.03
CA ASP A 71 16.69 8.77 1.13
C ASP A 71 17.30 10.17 1.04
N ARG A 72 18.61 10.28 0.89
CA ARG A 72 19.21 11.61 0.83
C ARG A 72 18.67 12.43 -0.32
N VAL A 73 18.62 11.85 -1.51
CA VAL A 73 18.09 12.58 -2.66
C VAL A 73 16.72 13.18 -2.28
N ILE A 74 15.74 12.32 -2.01
CA ILE A 74 14.39 12.79 -1.63
C ILE A 74 14.44 13.83 -0.50
N SER A 75 15.41 13.71 0.39
CA SER A 75 15.53 14.64 1.49
C SER A 75 15.87 16.05 1.03
N MET A 76 16.34 16.18 -0.21
CA MET A 76 16.70 17.50 -0.72
C MET A 76 15.68 18.06 -1.72
N PHE A 77 14.62 17.31 -2.00
CA PHE A 77 13.58 17.74 -2.92
C PHE A 77 13.21 19.21 -2.74
N ASP A 78 13.51 19.79 -1.59
CA ASP A 78 13.13 21.18 -1.36
C ASP A 78 14.28 22.19 -1.52
N ASN A 79 15.36 21.76 -2.18
CA ASN A 79 16.52 22.59 -2.44
C ASN A 79 17.11 22.25 -3.81
N GLU A 80 16.50 22.81 -4.85
CA GLU A 80 16.90 22.63 -6.24
C GLU A 80 18.42 22.56 -6.44
N ASP A 81 19.13 23.51 -5.85
CA ASP A 81 20.57 23.60 -5.97
C ASP A 81 21.26 22.33 -5.50
N ALA A 82 21.16 22.08 -4.19
CA ALA A 82 21.75 20.89 -3.62
C ALA A 82 21.20 19.68 -4.37
N LEU A 83 19.88 19.54 -4.40
CA LEU A 83 19.29 18.40 -5.11
C LEU A 83 19.93 18.15 -6.46
N ASN A 84 20.11 19.21 -7.24
CA ASN A 84 20.69 19.05 -8.55
C ASN A 84 22.17 18.77 -8.51
N ALA A 85 22.87 19.37 -7.55
CA ALA A 85 24.29 19.13 -7.44
C ALA A 85 24.54 17.64 -7.21
N ASP A 86 23.84 17.09 -6.22
CA ASP A 86 23.97 15.67 -5.89
C ASP A 86 23.30 14.74 -6.90
N LEU A 87 22.26 15.22 -7.57
CA LEU A 87 21.59 14.38 -8.55
C LEU A 87 22.54 14.24 -9.73
N GLU A 88 23.40 15.24 -9.90
CA GLU A 88 24.38 15.24 -10.98
C GLU A 88 25.50 14.28 -10.57
N HIS A 89 26.01 14.47 -9.36
CA HIS A 89 27.08 13.64 -8.81
C HIS A 89 26.78 12.15 -8.99
N LEU A 90 25.50 11.79 -8.98
CA LEU A 90 25.11 10.40 -9.16
C LEU A 90 25.16 10.01 -10.62
N LYS A 91 24.78 10.94 -11.49
CA LYS A 91 24.78 10.65 -12.92
C LYS A 91 26.17 10.20 -13.34
N SER A 92 27.20 10.88 -12.85
CA SER A 92 28.57 10.52 -13.21
C SER A 92 28.96 9.16 -12.64
N GLN A 93 28.45 8.82 -11.46
CA GLN A 93 28.76 7.55 -10.85
C GLN A 93 28.02 6.43 -11.61
N HIS A 94 26.85 6.74 -12.14
CA HIS A 94 26.10 5.73 -12.85
C HIS A 94 26.34 5.70 -14.36
N ASP A 95 26.70 6.83 -14.97
CA ASP A 95 26.91 6.85 -16.42
C ASP A 95 27.77 5.69 -16.92
N PRO A 96 29.02 5.60 -16.44
CA PRO A 96 29.89 4.50 -16.89
C PRO A 96 29.37 3.06 -16.69
N ARG A 97 28.43 2.87 -15.78
CA ARG A 97 27.90 1.52 -15.58
C ARG A 97 27.14 1.10 -16.82
N GLY A 98 26.88 2.06 -17.71
CA GLY A 98 26.15 1.75 -18.93
C GLY A 98 24.89 0.96 -18.57
N LEU A 99 23.96 1.63 -17.90
CA LEU A 99 22.71 1.00 -17.47
C LEU A 99 21.50 1.40 -18.30
N ASP A 100 20.77 0.40 -18.77
CA ASP A 100 19.56 0.62 -19.55
C ASP A 100 18.61 1.40 -18.64
N ALA A 101 18.14 2.55 -19.09
CA ALA A 101 17.23 3.39 -18.30
C ALA A 101 15.91 2.69 -17.97
N LEU A 102 15.63 1.59 -18.66
CA LEU A 102 14.41 0.83 -18.40
C LEU A 102 14.34 0.29 -16.97
N ASN A 103 15.50 -0.02 -16.37
CA ASN A 103 15.49 -0.53 -15.00
C ASN A 103 15.09 0.61 -14.07
N PHE A 104 15.54 1.81 -14.37
CA PHE A 104 15.15 2.94 -13.54
C PHE A 104 13.63 3.07 -13.50
N VAL A 105 12.96 2.49 -14.49
CA VAL A 105 11.52 2.54 -14.53
C VAL A 105 11.02 1.49 -13.53
N VAL A 106 11.71 0.36 -13.49
CA VAL A 106 11.33 -0.70 -12.56
C VAL A 106 11.58 -0.23 -11.14
N PHE A 107 12.71 0.45 -10.93
CA PHE A 107 13.03 0.94 -9.60
C PHE A 107 11.91 1.88 -9.18
N GLY A 108 11.26 2.49 -10.16
CA GLY A 108 10.16 3.40 -9.88
C GLY A 108 8.96 2.63 -9.36
N LYS A 109 8.55 1.60 -10.09
CA LYS A 109 7.42 0.79 -9.69
C LYS A 109 7.72 0.03 -8.40
N ALA A 110 8.94 -0.47 -8.26
CA ALA A 110 9.32 -1.19 -7.05
C ALA A 110 9.12 -0.24 -5.85
N LEU A 111 9.74 0.94 -5.97
CA LEU A 111 9.68 2.00 -4.96
C LEU A 111 8.23 2.31 -4.60
N PHE A 112 7.43 2.60 -5.61
CA PHE A 112 6.03 2.93 -5.38
C PHE A 112 5.31 1.84 -4.59
N ALA A 113 5.38 0.62 -5.10
CA ALA A 113 4.72 -0.51 -4.48
C ALA A 113 5.15 -0.68 -3.02
N THR A 114 6.42 -0.42 -2.72
CA THR A 114 6.89 -0.57 -1.36
C THR A 114 6.46 0.60 -0.45
N VAL A 115 6.60 1.83 -0.90
CA VAL A 115 6.18 2.94 -0.05
C VAL A 115 4.67 2.88 0.15
N GLY A 116 3.94 2.66 -0.95
CA GLY A 116 2.50 2.57 -0.89
C GLY A 116 2.01 1.45 -0.01
N GLY A 117 2.65 0.29 -0.11
CA GLY A 117 2.24 -0.87 0.68
C GLY A 117 2.66 -0.75 2.14
N GLN A 118 3.56 0.20 2.43
CA GLN A 118 4.05 0.41 3.77
C GLN A 118 3.35 1.59 4.44
N PHE A 119 3.04 2.60 3.64
CA PHE A 119 2.38 3.82 4.11
C PHE A 119 0.86 3.73 4.20
N GLY A 120 0.26 2.75 3.53
CA GLY A 120 -1.19 2.65 3.61
C GLY A 120 -1.89 3.36 2.48
N VAL A 121 -3.20 3.16 2.41
CA VAL A 121 -4.02 3.72 1.36
C VAL A 121 -3.82 5.16 0.97
N CYS A 122 -3.41 6.04 1.90
CA CYS A 122 -3.25 7.45 1.54
C CYS A 122 -1.99 7.78 0.74
N PHE A 123 -1.35 6.77 0.21
CA PHE A 123 -0.15 6.95 -0.61
C PHE A 123 -0.52 7.83 -1.78
N ASP A 124 0.28 8.86 -2.03
CA ASP A 124 -0.01 9.75 -3.15
C ASP A 124 0.76 9.19 -4.33
N LEU A 125 0.10 8.35 -5.13
CA LEU A 125 0.75 7.75 -6.29
C LEU A 125 1.21 8.80 -7.31
N PRO A 126 0.32 9.77 -7.65
CA PRO A 126 0.69 10.81 -8.61
C PRO A 126 1.88 11.63 -8.16
N ALA A 127 1.78 12.25 -6.98
CA ALA A 127 2.89 13.05 -6.48
C ALA A 127 4.17 12.25 -6.56
N TRP A 128 4.12 11.00 -6.10
CA TRP A 128 5.29 10.12 -6.13
C TRP A 128 5.77 9.85 -7.55
N GLU A 129 4.87 9.50 -8.45
CA GLU A 129 5.30 9.26 -9.83
C GLU A 129 6.05 10.47 -10.42
N SER A 130 5.51 11.66 -10.17
CA SER A 130 6.08 12.87 -10.72
C SER A 130 7.45 13.17 -10.16
N CYS A 131 7.50 13.32 -8.85
CA CYS A 131 8.76 13.70 -8.24
C CYS A 131 9.89 12.65 -8.36
N TYR A 132 9.56 11.45 -8.81
CA TYR A 132 10.57 10.42 -8.99
C TYR A 132 11.12 10.55 -10.39
N LYS A 133 10.30 11.09 -11.30
CA LYS A 133 10.73 11.29 -12.67
C LYS A 133 11.87 12.30 -12.62
N VAL A 134 11.82 13.16 -11.60
CA VAL A 134 12.85 14.17 -11.40
C VAL A 134 14.17 13.49 -11.05
N ILE A 135 14.13 12.50 -10.17
CA ILE A 135 15.34 11.79 -9.77
C ILE A 135 15.92 10.95 -10.93
N ALA A 136 15.04 10.30 -11.68
CA ALA A 136 15.46 9.48 -12.82
C ALA A 136 16.11 10.34 -13.91
N MET A 137 15.45 11.43 -14.28
CA MET A 137 15.98 12.33 -15.30
C MET A 137 17.33 12.87 -14.84
N GLY A 138 17.44 13.15 -13.55
CA GLY A 138 18.69 13.67 -13.01
C GLY A 138 19.80 12.63 -13.01
N ILE A 139 19.43 11.37 -12.89
CA ILE A 139 20.43 10.31 -12.88
C ILE A 139 20.67 9.72 -14.26
N THR A 140 19.61 9.25 -14.91
CA THR A 140 19.74 8.65 -16.22
C THR A 140 19.89 9.67 -17.32
N GLY A 141 19.09 10.72 -17.27
CA GLY A 141 19.16 11.73 -18.29
C GLY A 141 18.25 11.37 -19.45
N ASN A 142 17.93 10.07 -19.60
CA ASN A 142 17.05 9.58 -20.67
C ASN A 142 15.77 10.42 -20.67
N ASP A 143 15.33 10.83 -21.85
CA ASP A 143 14.12 11.66 -21.96
C ASP A 143 12.85 10.81 -21.78
N MET A 144 13.02 9.68 -21.11
CA MET A 144 11.95 8.73 -20.80
C MET A 144 11.26 9.20 -19.52
N PHE A 145 11.98 9.99 -18.72
CA PHE A 145 11.46 10.51 -17.46
C PHE A 145 11.27 12.01 -17.59
N SER A 146 10.58 12.42 -18.64
CA SER A 146 10.33 13.85 -18.83
C SER A 146 8.84 14.12 -18.66
N SER B 1 23.62 31.53 26.39
CA SER B 1 24.52 32.53 25.84
C SER B 1 23.95 33.18 24.57
N GLU B 2 24.46 32.78 23.41
CA GLU B 2 24.00 33.33 22.15
C GLU B 2 22.99 32.42 21.45
N CYS B 3 21.99 33.03 20.82
CA CYS B 3 20.96 32.28 20.09
C CYS B 3 21.48 31.90 18.70
N GLY B 4 22.51 31.04 18.67
CA GLY B 4 23.08 30.61 17.41
C GLY B 4 22.14 29.85 16.49
N PRO B 5 22.68 29.17 15.45
CA PRO B 5 21.89 28.39 14.49
C PRO B 5 21.38 27.11 15.12
N LEU B 6 22.28 26.41 15.80
CA LEU B 6 21.97 25.15 16.47
C LEU B 6 20.86 25.36 17.49
N GLN B 7 21.05 26.35 18.37
CA GLN B 7 20.08 26.67 19.42
C GLN B 7 18.69 27.01 18.90
N ARG B 8 18.59 27.49 17.66
CA ARG B 8 17.29 27.83 17.11
C ARG B 8 16.54 26.60 16.66
N LEU B 9 17.28 25.57 16.26
CA LEU B 9 16.66 24.34 15.81
C LEU B 9 16.14 23.62 17.02
N LYS B 10 16.98 23.44 18.04
CA LYS B 10 16.56 22.75 19.25
C LYS B 10 15.42 23.46 19.94
N VAL B 11 15.26 24.75 19.69
CA VAL B 11 14.18 25.50 20.31
C VAL B 11 12.90 25.33 19.49
N LYS B 12 13.03 25.40 18.17
CA LYS B 12 11.87 25.24 17.30
C LYS B 12 11.15 23.95 17.71
N ARG B 13 11.91 22.88 17.82
CA ARG B 13 11.35 21.60 18.18
C ARG B 13 10.79 21.62 19.58
N GLN B 14 11.65 21.72 20.59
CA GLN B 14 11.17 21.74 21.97
C GLN B 14 9.87 22.54 22.17
N TRP B 15 9.72 23.62 21.41
CA TRP B 15 8.51 24.44 21.52
C TRP B 15 7.35 23.73 20.91
N ALA B 16 7.49 23.42 19.62
CA ALA B 16 6.46 22.73 18.85
C ALA B 16 5.94 21.55 19.64
N GLU B 17 6.85 20.83 20.30
CA GLU B 17 6.50 19.67 21.11
C GLU B 17 5.65 20.08 22.31
N ALA B 18 6.10 21.09 23.04
CA ALA B 18 5.38 21.56 24.21
C ALA B 18 4.12 22.38 23.87
N TYR B 19 4.13 23.07 22.74
CA TYR B 19 2.97 23.87 22.34
C TYR B 19 1.87 22.94 21.89
N GLY B 20 2.22 21.66 21.81
CA GLY B 20 1.27 20.66 21.40
C GLY B 20 0.67 21.00 20.05
N SER B 21 -0.51 20.45 19.80
CA SER B 21 -1.18 20.67 18.54
C SER B 21 -2.65 21.01 18.70
N GLY B 22 -3.12 21.15 19.94
CA GLY B 22 -4.52 21.51 20.13
C GLY B 22 -5.24 20.74 21.21
N ASN B 23 -4.48 20.00 22.02
CA ASN B 23 -5.07 19.22 23.10
C ASN B 23 -4.64 19.81 24.43
N GLY B 24 -3.37 19.63 24.76
CA GLY B 24 -2.85 20.17 25.99
C GLY B 24 -2.48 21.64 25.86
N ARG B 25 -3.07 22.32 24.87
CA ARG B 25 -2.79 23.72 24.66
C ARG B 25 -3.50 24.56 25.71
N GLU B 26 -4.79 24.36 25.86
CA GLU B 26 -5.52 25.13 26.85
C GLU B 26 -4.81 25.00 28.20
N GLU B 27 -4.08 23.90 28.39
CA GLU B 27 -3.36 23.73 29.65
C GLU B 27 -2.02 24.45 29.57
N PHE B 28 -1.37 24.37 28.41
CA PHE B 28 -0.09 25.06 28.26
C PHE B 28 -0.31 26.52 28.68
N GLY B 29 -1.19 27.19 27.94
CA GLY B 29 -1.51 28.58 28.22
C GLY B 29 -1.79 28.78 29.69
N HIS B 30 -2.89 28.21 30.18
CA HIS B 30 -3.23 28.38 31.58
C HIS B 30 -2.04 28.24 32.52
N PHE B 31 -1.08 27.40 32.18
CA PHE B 31 0.08 27.20 33.05
C PHE B 31 1.08 28.34 33.05
N ILE B 32 1.21 28.99 31.90
CA ILE B 32 2.14 30.09 31.74
C ILE B 32 1.60 31.35 32.43
N TRP B 33 0.38 31.77 32.06
CA TRP B 33 -0.21 32.93 32.67
C TRP B 33 -0.48 32.77 34.16
N ALA B 34 -0.77 31.57 34.61
CA ALA B 34 -1.00 31.36 36.04
C ALA B 34 0.35 31.39 36.76
N ASN B 35 1.37 31.84 36.04
CA ASN B 35 2.71 31.96 36.60
C ASN B 35 3.11 33.43 36.48
N VAL B 36 2.73 34.01 35.35
CA VAL B 36 2.97 35.43 35.07
C VAL B 36 2.29 36.27 36.16
N PHE B 37 0.98 36.09 36.30
CA PHE B 37 0.17 36.80 37.29
C PHE B 37 0.44 36.38 38.75
N LYS B 38 1.40 35.50 38.98
CA LYS B 38 1.70 35.09 40.35
C LYS B 38 2.98 35.79 40.73
N VAL B 39 3.81 36.02 39.73
CA VAL B 39 5.10 36.68 39.88
C VAL B 39 4.94 38.16 39.56
N ALA B 40 3.78 38.54 39.02
CA ALA B 40 3.51 39.93 38.68
C ALA B 40 2.01 40.22 38.55
N PRO B 41 1.23 39.96 39.61
CA PRO B 41 -0.22 40.22 39.53
C PRO B 41 -0.50 41.65 39.04
N SER B 42 0.51 42.50 39.17
CA SER B 42 0.40 43.89 38.74
C SER B 42 0.01 43.91 37.26
N ALA B 43 0.68 43.05 36.50
CA ALA B 43 0.49 42.95 35.06
C ALA B 43 -0.94 42.77 34.57
N ARG B 44 -1.77 42.07 35.34
CA ARG B 44 -3.14 41.83 34.89
C ARG B 44 -3.97 43.07 34.58
N ASP B 45 -3.46 44.24 34.96
CA ASP B 45 -4.16 45.51 34.71
C ASP B 45 -4.09 45.90 33.24
N MET B 46 -3.26 45.20 32.47
CA MET B 46 -3.08 45.49 31.05
C MET B 46 -4.02 44.63 30.20
N PHE B 47 -4.46 43.53 30.78
CA PHE B 47 -5.37 42.62 30.09
C PHE B 47 -6.77 42.82 30.62
N LYS B 48 -7.11 44.08 30.85
CA LYS B 48 -8.41 44.44 31.37
C LYS B 48 -9.50 44.15 30.34
N ARG B 49 -9.18 44.36 29.08
CA ARG B 49 -10.16 44.13 28.01
C ARG B 49 -10.42 42.65 27.69
N VAL B 50 -9.49 41.78 28.15
CA VAL B 50 -9.57 40.34 27.98
C VAL B 50 -9.64 39.62 29.35
N ARG B 51 -10.39 40.22 30.26
CA ARG B 51 -10.65 39.63 31.56
C ARG B 51 -9.45 39.05 32.28
N GLY B 52 -8.45 39.88 32.60
CA GLY B 52 -7.22 39.44 33.23
C GLY B 52 -7.44 39.12 34.72
N ASP B 53 -8.66 39.35 35.14
CA ASP B 53 -8.99 39.12 36.55
C ASP B 53 -9.19 37.64 36.80
N ASN B 54 -9.72 36.90 35.80
CA ASN B 54 -10.02 35.47 35.89
C ASN B 54 -9.52 34.77 34.63
N ILE B 55 -8.32 34.20 34.71
CA ILE B 55 -7.70 33.51 33.58
C ILE B 55 -8.36 32.18 33.24
N TYR B 56 -9.56 31.97 33.77
CA TYR B 56 -10.32 30.74 33.55
C TYR B 56 -11.43 30.92 32.51
N THR B 57 -11.86 32.17 32.32
CA THR B 57 -12.92 32.53 31.37
C THR B 57 -12.54 32.32 29.90
N PRO B 58 -13.53 32.14 29.02
CA PRO B 58 -13.21 31.94 27.61
C PRO B 58 -12.46 33.17 27.07
N ALA B 59 -13.10 34.32 27.20
CA ALA B 59 -12.53 35.59 26.73
C ALA B 59 -11.03 35.68 26.93
N PHE B 60 -10.55 35.31 28.12
CA PHE B 60 -9.14 35.37 28.38
C PHE B 60 -8.33 34.26 27.74
N ARG B 61 -8.84 33.03 27.79
CA ARG B 61 -8.16 31.90 27.20
C ARG B 61 -7.99 32.21 25.74
N ALA B 62 -8.98 32.89 25.17
CA ALA B 62 -8.92 33.27 23.77
C ALA B 62 -7.74 34.25 23.61
N HIS B 63 -7.53 35.09 24.62
CA HIS B 63 -6.43 36.05 24.59
C HIS B 63 -5.09 35.29 24.58
N ALA B 64 -4.89 34.47 25.62
CA ALA B 64 -3.67 33.68 25.74
C ALA B 64 -3.45 32.87 24.47
N THR B 65 -4.54 32.41 23.85
CA THR B 65 -4.41 31.65 22.61
C THR B 65 -3.78 32.61 21.59
N ARG B 66 -4.24 33.87 21.57
CA ARG B 66 -3.72 34.90 20.66
C ARG B 66 -2.24 35.21 20.92
N VAL B 67 -1.88 35.30 22.20
CA VAL B 67 -0.49 35.57 22.57
C VAL B 67 0.43 34.42 22.16
N LEU B 68 0.27 33.26 22.81
CA LEU B 68 1.09 32.08 22.53
C LEU B 68 1.04 31.74 21.05
N GLY B 69 -0.08 32.10 20.41
CA GLY B 69 -0.20 31.86 18.99
C GLY B 69 0.83 32.71 18.25
N GLY B 70 1.10 33.89 18.80
CA GLY B 70 2.08 34.77 18.21
C GLY B 70 3.49 34.30 18.50
N LEU B 71 3.73 33.90 19.74
CA LEU B 71 5.03 33.42 20.16
C LEU B 71 5.45 32.35 19.17
N ASP B 72 4.47 31.57 18.71
CA ASP B 72 4.74 30.51 17.77
C ASP B 72 5.28 31.14 16.49
N MET B 73 4.46 31.98 15.86
CA MET B 73 4.82 32.68 14.62
C MET B 73 6.30 33.01 14.59
N CYS B 74 6.76 33.57 15.72
CA CYS B 74 8.15 33.97 15.89
C CYS B 74 9.12 32.82 15.97
N VAL B 75 8.93 31.91 16.93
CA VAL B 75 9.81 30.75 17.08
C VAL B 75 9.88 30.06 15.72
N ALA B 76 8.72 29.96 15.07
CA ALA B 76 8.62 29.36 13.76
C ALA B 76 9.54 30.07 12.78
N LEU B 77 10.04 31.23 13.14
CA LEU B 77 10.91 31.94 12.22
C LEU B 77 12.33 32.20 12.72
N LEU B 78 12.66 31.75 13.92
CA LEU B 78 14.01 31.94 14.42
C LEU B 78 15.03 31.50 13.38
N ASP B 79 14.59 30.73 12.37
CA ASP B 79 15.50 30.28 11.32
C ASP B 79 15.25 31.00 10.00
N ASP B 80 14.87 32.27 10.10
CA ASP B 80 14.58 33.11 8.94
C ASP B 80 14.53 34.57 9.41
N GLU B 81 15.70 35.15 9.68
CA GLU B 81 15.78 36.54 10.15
C GLU B 81 14.98 37.54 9.33
N SER B 82 14.98 37.37 8.01
CA SER B 82 14.24 38.30 7.17
C SER B 82 12.76 38.33 7.54
N VAL B 83 12.03 37.27 7.21
CA VAL B 83 10.60 37.20 7.51
C VAL B 83 10.39 37.19 9.03
N LEU B 84 11.44 36.89 9.78
CA LEU B 84 11.33 36.91 11.25
C LEU B 84 11.19 38.35 11.74
N ASN B 85 12.19 39.18 11.45
CA ASN B 85 12.17 40.59 11.86
C ASN B 85 10.88 41.22 11.42
N THR B 86 10.52 40.98 10.16
CA THR B 86 9.29 41.52 9.58
C THR B 86 8.04 41.20 10.40
N GLN B 87 8.15 40.25 11.33
CA GLN B 87 7.03 39.88 12.18
C GLN B 87 7.28 40.50 13.55
N LEU B 88 8.49 40.33 14.08
CA LEU B 88 8.85 40.89 15.38
C LEU B 88 8.57 42.39 15.31
N ALA B 89 8.68 42.92 14.10
CA ALA B 89 8.45 44.32 13.83
C ALA B 89 6.96 44.60 13.87
N HIS B 90 6.23 43.90 13.00
CA HIS B 90 4.78 44.01 12.90
C HIS B 90 4.18 43.84 14.29
N LEU B 91 4.97 43.30 15.21
CA LEU B 91 4.52 43.07 16.58
C LEU B 91 4.91 44.24 17.48
N ALA B 92 6.00 44.91 17.14
CA ALA B 92 6.49 46.05 17.90
C ALA B 92 5.51 47.20 17.82
N SER B 93 4.99 47.43 16.63
CA SER B 93 4.05 48.51 16.42
C SER B 93 2.71 48.20 17.09
N GLN B 94 2.59 47.01 17.63
CA GLN B 94 1.35 46.60 18.29
C GLN B 94 1.42 46.63 19.82
N HIS B 95 2.62 46.66 20.38
CA HIS B 95 2.78 46.68 21.85
C HIS B 95 3.35 47.99 22.40
N SER B 96 3.42 48.99 21.53
CA SER B 96 3.94 50.33 21.86
C SER B 96 2.93 51.13 22.66
N SER B 97 1.73 51.20 22.09
CA SER B 97 0.62 51.92 22.67
C SER B 97 0.11 51.21 23.93
N ARG B 98 0.59 49.99 24.15
CA ARG B 98 0.18 49.21 25.32
C ARG B 98 1.10 49.48 26.50
N GLY B 99 2.13 50.29 26.28
CA GLY B 99 3.06 50.63 27.34
C GLY B 99 3.56 49.47 28.17
N VAL B 100 4.28 48.55 27.52
CA VAL B 100 4.80 47.38 28.21
C VAL B 100 6.25 47.57 28.62
N SER B 101 6.53 47.37 29.90
CA SER B 101 7.89 47.53 30.41
C SER B 101 8.74 46.32 30.02
N ALA B 102 9.95 46.56 29.54
CA ALA B 102 10.85 45.47 29.14
C ALA B 102 11.00 44.48 30.29
N GLU B 103 10.73 44.94 31.51
CA GLU B 103 10.84 44.08 32.68
C GLU B 103 9.77 43.01 32.59
N GLN B 104 8.64 43.37 31.99
CA GLN B 104 7.53 42.47 31.81
C GLN B 104 7.77 41.48 30.68
N TYR B 105 8.48 41.91 29.64
CA TYR B 105 8.80 41.04 28.53
C TYR B 105 9.78 39.99 29.04
N ASN B 106 10.14 40.07 30.32
CA ASN B 106 11.09 39.13 30.91
C ASN B 106 10.45 38.23 31.97
N VAL B 107 9.25 38.59 32.38
CA VAL B 107 8.52 37.82 33.38
C VAL B 107 7.69 36.80 32.61
N VAL B 108 7.33 37.18 31.39
CA VAL B 108 6.55 36.32 30.51
C VAL B 108 7.54 35.33 29.89
N GLU B 109 8.75 35.81 29.61
CA GLU B 109 9.77 34.94 29.05
C GLU B 109 9.96 33.76 30.00
N HIS B 110 10.16 34.07 31.28
CA HIS B 110 10.36 33.03 32.28
C HIS B 110 9.16 32.12 32.41
N ALA B 111 7.96 32.70 32.44
CA ALA B 111 6.75 31.90 32.57
C ALA B 111 6.68 30.88 31.41
N VAL B 112 6.89 31.38 30.19
CA VAL B 112 6.89 30.51 29.03
C VAL B 112 7.87 29.36 29.27
N MET B 113 9.07 29.69 29.73
CA MET B 113 10.09 28.69 30.02
C MET B 113 9.68 27.75 31.13
N MET B 114 8.96 28.24 32.13
CA MET B 114 8.53 27.38 33.22
C MET B 114 7.48 26.39 32.72
N GLY B 115 6.78 26.79 31.66
CA GLY B 115 5.75 25.96 31.07
C GLY B 115 6.28 24.95 30.06
N VAL B 116 7.22 25.37 29.23
CA VAL B 116 7.82 24.47 28.25
C VAL B 116 8.61 23.41 28.98
N GLU B 117 9.27 23.79 30.08
CA GLU B 117 10.02 22.81 30.85
C GLU B 117 8.96 21.90 31.41
N HIS B 118 7.88 22.48 31.92
CA HIS B 118 6.77 21.72 32.51
C HIS B 118 6.22 20.64 31.57
N GLU B 119 6.04 21.02 30.31
CA GLU B 119 5.51 20.13 29.29
C GLU B 119 6.51 19.05 28.87
N ILE B 120 7.70 19.45 28.43
CA ILE B 120 8.72 18.50 27.96
C ILE B 120 9.71 17.92 28.95
N GLY B 121 9.64 18.32 30.22
CA GLY B 121 10.55 17.78 31.21
C GLY B 121 11.90 18.44 31.37
N GLN B 122 12.27 18.72 32.62
CA GLN B 122 13.54 19.36 32.91
C GLN B 122 14.74 18.57 32.41
N ASN B 123 14.65 17.24 32.50
CA ASN B 123 15.73 16.36 32.07
C ASN B 123 16.28 16.71 30.68
N VAL B 124 15.46 17.31 29.84
CA VAL B 124 15.92 17.65 28.50
C VAL B 124 15.93 19.15 28.20
N PHE B 125 15.08 19.91 28.88
CA PHE B 125 14.99 21.37 28.69
C PHE B 125 16.38 22.03 28.59
N ASP B 126 16.56 22.91 27.61
CA ASP B 126 17.84 23.60 27.41
C ASP B 126 17.70 25.11 27.68
N LYS B 127 18.01 25.54 28.90
CA LYS B 127 17.86 26.93 29.28
C LYS B 127 18.70 27.94 28.49
N ASP B 128 20.02 27.82 28.54
CA ASP B 128 20.88 28.76 27.83
C ASP B 128 20.39 29.00 26.40
N ALA B 129 19.72 27.99 25.84
CA ALA B 129 19.21 28.11 24.48
C ALA B 129 17.85 28.79 24.50
N TRP B 130 17.03 28.45 25.50
CA TRP B 130 15.72 29.07 25.60
C TRP B 130 15.80 30.51 26.10
N GLN B 131 16.73 30.77 27.01
CA GLN B 131 16.90 32.13 27.54
C GLN B 131 17.47 33.02 26.44
N ALA B 132 18.41 32.47 25.68
CA ALA B 132 19.04 33.21 24.59
C ALA B 132 18.04 33.60 23.50
N CYS B 133 17.52 32.61 22.78
CA CYS B 133 16.58 32.90 21.71
C CYS B 133 15.30 33.64 22.13
N LEU B 134 14.74 33.32 23.31
CA LEU B 134 13.53 34.04 23.72
C LEU B 134 13.83 35.54 23.78
N ASP B 135 14.97 35.92 24.35
CA ASP B 135 15.38 37.31 24.44
C ASP B 135 15.28 37.95 23.06
N VAL B 136 15.91 37.33 22.08
CA VAL B 136 15.89 37.82 20.70
C VAL B 136 14.48 38.16 20.18
N ILE B 137 13.49 37.35 20.58
CA ILE B 137 12.13 37.59 20.15
C ILE B 137 11.51 38.80 20.85
N THR B 138 11.91 39.03 22.10
CA THR B 138 11.38 40.16 22.86
C THR B 138 12.10 41.48 22.52
N SER B 139 13.40 41.39 22.25
CA SER B 139 14.19 42.56 21.88
C SER B 139 13.90 42.88 20.43
N GLY B 140 12.70 42.54 19.98
CA GLY B 140 12.30 42.80 18.62
C GLY B 140 10.92 43.40 18.69
N ILE B 141 10.19 43.01 19.72
CA ILE B 141 8.84 43.50 19.96
C ILE B 141 9.01 44.84 20.65
N GLN B 142 10.11 44.95 21.39
CA GLN B 142 10.44 46.18 22.09
C GLN B 142 11.02 47.14 21.06
N GLY B 143 10.96 46.74 19.79
CA GLY B 143 11.47 47.57 18.72
C GLY B 143 12.99 47.53 18.68
N ASN B 144 13.55 46.75 19.60
CA ASN B 144 15.01 46.58 19.73
C ASN B 144 15.50 47.59 20.77
N SER C 1 -26.81 16.26 4.33
CA SER C 1 -26.79 15.98 5.77
C SER C 1 -26.89 17.27 6.57
N SER C 2 -26.55 17.18 7.84
CA SER C 2 -26.59 18.32 8.75
C SER C 2 -25.56 19.41 8.40
N ASN C 3 -24.39 18.99 7.93
CA ASN C 3 -23.29 19.88 7.58
C ASN C 3 -22.54 20.42 8.80
N SER C 4 -22.95 19.98 9.99
CA SER C 4 -22.32 20.41 11.24
C SER C 4 -20.94 19.84 11.39
N CYS C 5 -20.06 20.56 12.06
CA CYS C 5 -18.68 20.12 12.30
C CYS C 5 -18.73 19.26 13.56
N THR C 6 -18.88 17.95 13.39
CA THR C 6 -18.96 17.01 14.50
C THR C 6 -17.64 16.72 15.18
N THR C 7 -17.72 16.25 16.42
CA THR C 7 -16.55 15.92 17.21
C THR C 7 -15.58 15.02 16.45
N GLU C 8 -16.12 14.10 15.65
CA GLU C 8 -15.24 13.24 14.87
C GLU C 8 -14.52 14.11 13.84
N ASP C 9 -15.29 14.91 13.09
CA ASP C 9 -14.68 15.79 12.09
C ASP C 9 -13.55 16.58 12.71
N ARG C 10 -13.79 17.06 13.93
CA ARG C 10 -12.78 17.82 14.67
C ARG C 10 -11.50 17.00 14.91
N ARG C 11 -11.62 15.83 15.53
CA ARG C 11 -10.45 14.98 15.80
C ARG C 11 -9.66 14.68 14.50
N GLU C 12 -10.38 14.44 13.42
CA GLU C 12 -9.76 14.13 12.16
C GLU C 12 -9.03 15.36 11.59
N MET C 13 -9.73 16.47 11.42
CA MET C 13 -9.07 17.66 10.90
C MET C 13 -7.86 18.01 11.77
N GLN C 14 -8.05 18.00 13.07
CA GLN C 14 -6.97 18.35 14.00
C GLN C 14 -5.73 17.51 13.76
N LEU C 15 -5.93 16.22 13.53
CA LEU C 15 -4.84 15.29 13.30
C LEU C 15 -4.14 15.55 11.96
N MET C 16 -4.91 15.47 10.88
CA MET C 16 -4.34 15.70 9.57
C MET C 16 -3.55 17.00 9.56
N TRP C 17 -4.11 18.02 10.19
CA TRP C 17 -3.47 19.33 10.25
C TRP C 17 -2.19 19.29 11.07
N ALA C 18 -2.29 18.83 12.30
CA ALA C 18 -1.14 18.74 13.18
C ALA C 18 0.16 18.24 12.51
N ASN C 19 0.05 17.19 11.70
CA ASN C 19 1.23 16.64 11.05
C ASN C 19 1.86 17.63 10.08
N VAL C 20 1.05 18.21 9.20
CA VAL C 20 1.57 19.17 8.24
C VAL C 20 1.95 20.54 8.76
N TRP C 21 1.32 21.00 9.83
CA TRP C 21 1.62 22.35 10.33
C TRP C 21 2.18 22.48 11.74
N SER C 22 3.49 22.66 11.85
CA SER C 22 4.10 22.79 13.18
C SER C 22 5.42 23.54 13.14
N ALA C 23 5.72 24.21 14.25
CA ALA C 23 6.96 24.97 14.38
C ALA C 23 8.18 24.10 14.09
N GLN C 24 7.99 22.79 14.09
CA GLN C 24 9.08 21.86 13.83
C GLN C 24 9.59 22.12 12.42
N PHE C 25 8.67 22.31 11.50
CA PHE C 25 9.03 22.54 10.12
C PHE C 25 8.82 23.93 9.59
N THR C 26 9.86 24.73 9.70
CA THR C 26 9.81 26.06 9.16
C THR C 26 10.03 25.73 7.70
N GLY C 27 9.19 26.25 6.84
CA GLY C 27 9.36 25.95 5.44
C GLY C 27 8.21 25.09 5.01
N ARG C 28 7.70 24.31 5.95
CA ARG C 28 6.57 23.49 5.63
C ARG C 28 5.41 24.48 5.65
N ARG C 29 5.49 25.40 6.61
CA ARG C 29 4.47 26.43 6.78
C ARG C 29 4.46 27.39 5.59
N LEU C 30 5.58 28.08 5.37
CA LEU C 30 5.69 29.02 4.25
C LEU C 30 5.06 28.42 2.99
N ALA C 31 5.56 27.25 2.59
CA ALA C 31 5.10 26.56 1.40
C ALA C 31 3.57 26.44 1.28
N ILE C 32 2.92 26.13 2.40
CA ILE C 32 1.47 26.00 2.42
C ILE C 32 0.82 27.39 2.36
N ALA C 33 1.25 28.28 3.25
CA ALA C 33 0.72 29.64 3.33
C ALA C 33 0.69 30.30 1.96
N GLN C 34 1.86 30.49 1.36
CA GLN C 34 1.91 31.08 0.04
C GLN C 34 0.93 30.33 -0.87
N ALA C 35 1.13 29.02 -1.02
CA ALA C 35 0.26 28.23 -1.89
C ALA C 35 -1.20 28.63 -1.85
N VAL C 36 -1.74 28.80 -0.64
CA VAL C 36 -3.14 29.19 -0.47
C VAL C 36 -3.47 30.54 -1.13
N PHE C 37 -2.81 31.60 -0.68
CA PHE C 37 -3.02 32.94 -1.24
C PHE C 37 -2.75 32.96 -2.74
N LYS C 38 -1.66 32.32 -3.15
CA LYS C 38 -1.31 32.26 -4.55
C LYS C 38 -2.45 31.63 -5.35
N ASP C 39 -3.26 30.79 -4.69
CA ASP C 39 -4.41 30.10 -5.31
C ASP C 39 -5.62 31.02 -5.28
N LEU C 40 -5.73 31.83 -4.24
CA LEU C 40 -6.83 32.79 -4.12
C LEU C 40 -6.72 33.80 -5.24
N PHE C 41 -5.64 34.57 -5.20
CA PHE C 41 -5.35 35.61 -6.19
C PHE C 41 -5.66 35.20 -7.64
N ALA C 42 -5.11 34.07 -8.08
CA ALA C 42 -5.34 33.62 -9.44
C ALA C 42 -6.79 33.16 -9.67
N HIS C 43 -7.65 33.35 -8.67
CA HIS C 43 -9.06 32.96 -8.79
C HIS C 43 -9.94 34.17 -8.47
N VAL C 44 -9.34 35.12 -7.77
CA VAL C 44 -10.02 36.34 -7.35
C VAL C 44 -9.01 37.48 -7.49
N PRO C 45 -8.70 37.88 -8.73
CA PRO C 45 -7.75 38.94 -9.08
C PRO C 45 -7.85 40.22 -8.26
N ASP C 46 -9.01 40.86 -8.30
CA ASP C 46 -9.20 42.10 -7.55
C ASP C 46 -9.30 41.80 -6.06
N ALA C 47 -8.34 41.03 -5.57
CA ALA C 47 -8.30 40.67 -4.16
C ALA C 47 -6.90 40.99 -3.63
N VAL C 48 -5.97 41.15 -4.55
CA VAL C 48 -4.59 41.47 -4.20
C VAL C 48 -4.54 42.80 -3.50
N GLY C 49 -5.41 43.71 -3.95
CA GLY C 49 -5.46 45.05 -3.39
C GLY C 49 -5.81 45.08 -1.91
N LEU C 50 -6.58 44.10 -1.46
CA LEU C 50 -6.99 44.04 -0.06
C LEU C 50 -5.77 43.86 0.82
N PHE C 51 -4.70 43.30 0.24
CA PHE C 51 -3.46 43.07 0.97
C PHE C 51 -2.33 43.91 0.37
N ASP C 52 -2.49 45.23 0.42
CA ASP C 52 -1.46 46.13 -0.11
C ASP C 52 -0.48 46.51 0.99
N ARG C 53 -0.99 46.69 2.20
CA ARG C 53 -0.15 47.05 3.33
C ARG C 53 0.82 45.93 3.64
N VAL C 54 0.69 44.83 2.90
CA VAL C 54 1.54 43.67 3.09
C VAL C 54 2.08 43.10 1.77
N HIS C 55 2.26 43.98 0.79
CA HIS C 55 2.79 43.66 -0.53
C HIS C 55 2.13 42.53 -1.30
N GLY C 56 0.80 42.49 -1.27
CA GLY C 56 0.06 41.45 -1.97
C GLY C 56 0.50 41.16 -3.39
N THR C 57 1.22 42.10 -3.99
CA THR C 57 1.68 41.93 -5.37
C THR C 57 2.99 41.16 -5.43
N GLU C 58 3.75 41.23 -4.33
CA GLU C 58 5.04 40.55 -4.24
C GLU C 58 4.90 39.34 -3.33
N ILE C 59 4.45 38.21 -3.89
CA ILE C 59 4.26 36.97 -3.14
C ILE C 59 5.47 36.56 -2.29
N ASP C 60 6.66 36.90 -2.76
CA ASP C 60 7.90 36.57 -2.06
C ASP C 60 8.41 37.68 -1.14
N SER C 61 7.76 38.83 -1.15
CA SER C 61 8.21 39.91 -0.29
C SER C 61 8.20 39.44 1.16
N SER C 62 9.32 39.66 1.84
CA SER C 62 9.47 39.29 3.24
C SER C 62 8.30 39.80 4.08
N GLU C 63 7.50 40.69 3.52
CA GLU C 63 6.37 41.25 4.24
C GLU C 63 5.11 40.37 4.07
N PHE C 64 4.78 40.02 2.83
CA PHE C 64 3.61 39.20 2.53
C PHE C 64 3.77 37.81 3.14
N LYS C 65 5.01 37.31 3.14
CA LYS C 65 5.30 36.02 3.73
C LYS C 65 4.89 36.10 5.18
N ALA C 66 5.53 36.99 5.93
CA ALA C 66 5.18 37.16 7.33
C ALA C 66 3.67 37.28 7.42
N HIS C 67 3.02 37.71 6.33
CA HIS C 67 1.58 37.82 6.35
C HIS C 67 0.98 36.44 6.23
N CYS C 68 1.17 35.83 5.07
CA CYS C 68 0.66 34.49 4.77
C CYS C 68 0.73 33.57 5.98
N ILE C 69 1.89 33.52 6.60
CA ILE C 69 2.08 32.69 7.77
C ILE C 69 1.13 33.13 8.89
N ARG C 70 0.96 34.44 9.09
CA ARG C 70 0.05 34.95 10.13
C ARG C 70 -1.42 34.49 9.93
N VAL C 71 -1.93 34.63 8.71
CA VAL C 71 -3.30 34.23 8.40
C VAL C 71 -3.50 32.75 8.67
N VAL C 72 -2.68 31.90 8.06
CA VAL C 72 -2.79 30.46 8.24
C VAL C 72 -2.54 30.10 9.71
N ASN C 73 -1.55 30.71 10.34
CA ASN C 73 -1.30 30.45 11.74
C ASN C 73 -2.55 30.88 12.53
N GLY C 74 -3.39 31.69 11.89
CA GLY C 74 -4.62 32.12 12.54
C GLY C 74 -5.60 30.98 12.54
N LEU C 75 -5.66 30.28 11.40
CA LEU C 75 -6.50 29.12 11.21
C LEU C 75 -6.04 28.05 12.18
N ASP C 76 -4.72 27.93 12.32
CA ASP C 76 -4.16 26.94 13.24
C ASP C 76 -4.73 27.14 14.63
N SER C 77 -4.60 28.35 15.14
CA SER C 77 -5.09 28.65 16.46
C SER C 77 -6.54 28.22 16.58
N ALA C 78 -7.32 28.49 15.54
CA ALA C 78 -8.73 28.13 15.55
C ALA C 78 -8.93 26.61 15.57
N ILE C 79 -8.33 25.92 14.62
CA ILE C 79 -8.46 24.47 14.55
C ILE C 79 -8.15 23.84 15.89
N GLY C 80 -7.11 24.35 16.54
CA GLY C 80 -6.73 23.83 17.84
C GLY C 80 -7.76 24.17 18.89
N LEU C 81 -8.58 25.18 18.60
CA LEU C 81 -9.62 25.60 19.53
C LEU C 81 -10.93 24.84 19.33
N LEU C 82 -11.00 24.02 18.27
CA LEU C 82 -12.19 23.21 18.03
C LEU C 82 -12.34 22.28 19.24
N SER C 83 -11.25 22.12 19.99
CA SER C 83 -11.24 21.28 21.17
C SER C 83 -11.86 21.96 22.39
N ASP C 84 -11.98 23.29 22.34
CA ASP C 84 -12.57 24.06 23.44
C ASP C 84 -13.46 25.14 22.85
N PRO C 85 -14.60 24.75 22.26
CA PRO C 85 -15.54 25.70 21.66
C PRO C 85 -15.88 26.99 22.42
N SER C 86 -16.10 26.93 23.73
CA SER C 86 -16.41 28.17 24.46
C SER C 86 -15.35 29.20 24.10
N THR C 87 -14.08 28.80 24.22
CA THR C 87 -12.98 29.70 23.88
C THR C 87 -12.94 30.04 22.40
N LEU C 88 -13.13 29.05 21.54
CA LEU C 88 -13.10 29.31 20.11
C LEU C 88 -14.11 30.37 19.66
N ASN C 89 -15.23 30.48 20.39
CA ASN C 89 -16.22 31.48 20.02
C ASN C 89 -15.68 32.86 20.34
N GLU C 90 -15.19 33.04 21.56
CA GLU C 90 -14.63 34.32 21.97
C GLU C 90 -13.51 34.71 21.02
N GLN C 91 -12.80 33.70 20.52
CA GLN C 91 -11.70 33.93 19.62
C GLN C 91 -12.12 34.14 18.18
N LEU C 92 -13.24 33.56 17.79
CA LEU C 92 -13.69 33.71 16.41
C LEU C 92 -14.44 35.01 16.17
N SER C 93 -14.93 35.63 17.24
CA SER C 93 -15.64 36.88 17.10
C SER C 93 -14.63 38.03 17.20
N HIS C 94 -13.60 37.85 18.03
CA HIS C 94 -12.58 38.88 18.15
C HIS C 94 -11.96 38.98 16.77
N LEU C 95 -11.96 37.87 16.03
CA LEU C 95 -11.40 37.84 14.68
C LEU C 95 -12.43 38.40 13.71
N ALA C 96 -13.71 38.35 14.10
CA ALA C 96 -14.78 38.85 13.25
C ALA C 96 -14.72 40.37 13.20
N THR C 97 -14.79 41.01 14.36
CA THR C 97 -14.73 42.47 14.40
C THR C 97 -13.45 42.91 13.70
N GLN C 98 -12.34 42.25 14.05
CA GLN C 98 -11.04 42.54 13.48
C GLN C 98 -10.97 42.45 11.94
N HIS C 99 -11.89 41.70 11.33
CA HIS C 99 -11.90 41.56 9.87
C HIS C 99 -12.93 42.49 9.22
N GLN C 100 -13.65 43.23 10.06
CA GLN C 100 -14.66 44.17 9.58
C GLN C 100 -14.04 45.54 9.37
N GLU C 101 -13.06 45.88 10.21
CA GLU C 101 -12.36 47.15 10.11
C GLU C 101 -11.47 47.17 8.87
N ARG C 102 -11.57 46.14 8.04
CA ARG C 102 -10.80 46.05 6.81
C ARG C 102 -11.81 46.22 5.68
N ALA C 103 -11.37 46.66 4.52
CA ALA C 103 -12.33 46.91 3.43
C ALA C 103 -12.37 45.93 2.25
N GLY C 104 -13.58 45.66 1.77
CA GLY C 104 -13.77 44.76 0.64
C GLY C 104 -13.66 43.31 1.08
N VAL C 105 -13.58 43.13 2.39
CA VAL C 105 -13.51 41.81 3.02
C VAL C 105 -14.94 41.33 3.08
N THR C 106 -15.22 40.27 2.34
CA THR C 106 -16.59 39.77 2.31
C THR C 106 -16.76 38.28 2.60
N LYS C 107 -17.98 37.90 2.94
CA LYS C 107 -18.30 36.51 3.21
C LYS C 107 -17.90 35.75 1.96
N GLY C 108 -17.96 36.44 0.82
CA GLY C 108 -17.60 35.83 -0.44
C GLY C 108 -16.10 35.78 -0.61
N GLY C 109 -15.40 36.57 0.20
CA GLY C 109 -13.95 36.57 0.14
C GLY C 109 -13.48 35.23 0.68
N PHE C 110 -14.01 34.88 1.85
CA PHE C 110 -13.69 33.63 2.50
C PHE C 110 -14.03 32.44 1.60
N SER C 111 -15.28 32.40 1.12
CA SER C 111 -15.73 31.32 0.25
C SER C 111 -14.74 31.01 -0.87
N ALA C 112 -13.90 31.99 -1.22
CA ALA C 112 -12.90 31.81 -2.26
C ALA C 112 -11.68 31.14 -1.67
N ILE C 113 -11.12 31.77 -0.63
CA ILE C 113 -9.94 31.24 0.04
C ILE C 113 -10.30 29.87 0.62
N ALA C 114 -11.58 29.53 0.54
CA ALA C 114 -12.06 28.24 1.04
C ALA C 114 -11.82 27.19 -0.04
N GLN C 115 -12.07 27.58 -1.28
CA GLN C 115 -11.84 26.70 -2.40
C GLN C 115 -10.31 26.65 -2.47
N SER C 116 -9.69 27.76 -2.12
CA SER C 116 -8.23 27.88 -2.11
C SER C 116 -7.62 26.73 -1.31
N PHE C 117 -8.15 26.51 -0.11
CA PHE C 117 -7.66 25.43 0.74
C PHE C 117 -8.05 24.04 0.20
N LEU C 118 -9.32 23.86 -0.16
CA LEU C 118 -9.77 22.57 -0.68
C LEU C 118 -8.96 21.99 -1.87
N ARG C 119 -8.22 22.85 -2.57
CA ARG C 119 -7.40 22.42 -3.72
C ARG C 119 -5.92 22.37 -3.35
N VAL C 120 -5.56 23.04 -2.25
CA VAL C 120 -4.17 23.06 -1.80
C VAL C 120 -3.85 21.97 -0.78
N MET C 121 -4.68 21.79 0.23
CA MET C 121 -4.41 20.79 1.24
C MET C 121 -4.05 19.42 0.70
N PRO C 122 -4.95 18.81 -0.08
CA PRO C 122 -4.72 17.48 -0.65
C PRO C 122 -3.39 17.27 -1.38
N GLN C 123 -2.59 18.32 -1.49
CA GLN C 123 -1.33 18.19 -2.19
C GLN C 123 -0.18 18.01 -1.22
N VAL C 124 -0.34 18.55 -0.02
CA VAL C 124 0.71 18.46 0.96
C VAL C 124 0.33 17.53 2.11
N ALA C 125 -0.93 17.58 2.52
CA ALA C 125 -1.38 16.73 3.61
C ALA C 125 -1.91 15.42 3.08
N SER C 126 -1.44 14.32 3.65
CA SER C 126 -1.88 13.02 3.21
C SER C 126 -3.09 12.63 4.04
N CYS C 127 -4.03 11.90 3.44
CA CYS C 127 -5.23 11.47 4.15
C CYS C 127 -6.16 12.65 4.40
N PHE C 128 -6.32 13.50 3.39
CA PHE C 128 -7.16 14.69 3.50
C PHE C 128 -8.59 14.27 3.32
N ASN C 129 -9.48 14.89 4.09
CA ASN C 129 -10.89 14.59 3.96
C ASN C 129 -11.65 15.85 3.60
N PRO C 130 -11.79 16.15 2.30
CA PRO C 130 -12.50 17.37 1.92
C PRO C 130 -13.84 17.60 2.63
N ASP C 131 -14.68 16.58 2.68
CA ASP C 131 -15.97 16.74 3.34
C ASP C 131 -15.85 17.15 4.81
N ALA C 132 -15.12 16.38 5.60
CA ALA C 132 -14.96 16.69 7.01
C ALA C 132 -14.25 18.03 7.17
N TRP C 133 -13.15 18.21 6.45
CA TRP C 133 -12.41 19.46 6.56
C TRP C 133 -13.32 20.64 6.31
N SER C 134 -14.02 20.57 5.19
CA SER C 134 -14.93 21.63 4.79
C SER C 134 -15.97 21.96 5.86
N ARG C 135 -16.62 20.95 6.43
CA ARG C 135 -17.63 21.20 7.45
C ARG C 135 -17.06 21.95 8.62
N CYS C 136 -15.76 21.83 8.87
CA CYS C 136 -15.16 22.54 9.99
C CYS C 136 -14.43 23.81 9.59
N PHE C 137 -14.03 23.92 8.32
CA PHE C 137 -13.38 25.14 7.87
C PHE C 137 -14.50 26.18 7.90
N ASN C 138 -15.67 25.76 7.42
CA ASN C 138 -16.85 26.59 7.37
C ASN C 138 -17.31 26.97 8.78
N ARG C 139 -17.31 26.00 9.69
CA ARG C 139 -17.69 26.26 11.07
C ARG C 139 -16.87 27.42 11.61
N ILE C 140 -15.61 27.49 11.20
CA ILE C 140 -14.73 28.56 11.66
C ILE C 140 -15.02 29.91 10.99
N THR C 141 -15.18 29.92 9.67
CA THR C 141 -15.43 31.18 8.96
C THR C 141 -16.80 31.79 9.25
N ASN C 142 -17.78 30.96 9.60
CA ASN C 142 -19.11 31.48 9.91
C ASN C 142 -19.06 32.27 11.19
N GLY C 143 -17.95 32.14 11.92
CA GLY C 143 -17.82 32.87 13.16
C GLY C 143 -16.97 34.08 12.92
N MET C 144 -16.30 34.09 11.76
CA MET C 144 -15.46 35.22 11.41
C MET C 144 -16.28 36.24 10.62
N THR C 145 -17.03 35.76 9.64
CA THR C 145 -17.86 36.62 8.81
C THR C 145 -19.17 37.05 9.48
N GLU C 146 -19.25 36.86 10.81
CA GLU C 146 -20.46 37.22 11.56
C GLU C 146 -21.03 38.51 11.04
N GLY C 147 -20.30 39.59 11.26
CA GLY C 147 -20.74 40.89 10.79
C GLY C 147 -20.00 41.26 9.52
N LEU C 148 -20.55 40.87 8.37
CA LEU C 148 -19.92 41.18 7.09
C LEU C 148 -20.90 41.16 5.92
N ALA C 149 -20.55 41.91 4.87
CA ALA C 149 -21.38 41.98 3.67
C ALA C 149 -21.01 40.84 2.76
N GLU C 150 -22.01 40.29 2.07
CA GLU C 150 -21.79 39.17 1.17
C GLU C 150 -20.53 39.32 0.32
N SER D 1 33.89 -5.72 12.94
CA SER D 1 33.16 -6.86 13.50
C SER D 1 32.13 -6.41 14.57
N GLU D 2 32.57 -6.25 15.82
CA GLU D 2 31.65 -5.83 16.88
C GLU D 2 31.67 -4.36 17.31
N PHE D 3 30.54 -3.68 17.11
CA PHE D 3 30.41 -2.24 17.37
C PHE D 3 29.96 -1.71 18.74
N CYS D 4 28.71 -1.96 19.09
CA CYS D 4 28.20 -1.52 20.38
C CYS D 4 27.03 -2.41 20.79
N SER D 5 26.84 -2.55 22.10
CA SER D 5 25.75 -3.35 22.61
C SER D 5 24.44 -2.89 22.00
N GLU D 6 23.44 -3.76 22.02
CA GLU D 6 22.16 -3.42 21.41
C GLU D 6 21.43 -2.23 22.02
N ALA D 7 21.34 -2.20 23.35
CA ALA D 7 20.65 -1.12 24.03
C ALA D 7 21.34 0.21 23.75
N ASP D 8 22.61 0.13 23.42
CA ASP D 8 23.38 1.32 23.11
C ASP D 8 22.91 1.80 21.74
N ALA D 9 23.17 1.02 20.70
CA ALA D 9 22.77 1.36 19.34
C ALA D 9 21.38 1.96 19.38
N THR D 10 20.56 1.44 20.28
CA THR D 10 19.20 1.90 20.44
C THR D 10 19.13 3.38 20.85
N ILE D 11 19.82 3.74 21.92
CA ILE D 11 19.82 5.12 22.39
C ILE D 11 20.32 6.05 21.30
N VAL D 12 21.36 5.60 20.61
CA VAL D 12 21.94 6.39 19.56
C VAL D 12 21.00 6.53 18.38
N ILE D 13 20.46 5.43 17.90
CA ILE D 13 19.55 5.49 16.76
C ILE D 13 18.27 6.31 16.96
N LYS D 14 17.86 6.43 18.21
CA LYS D 14 16.66 7.17 18.55
C LYS D 14 16.98 8.64 18.52
N GLN D 15 17.97 9.04 19.29
CA GLN D 15 18.37 10.44 19.33
C GLN D 15 18.69 10.90 17.92
N TRP D 16 19.43 10.10 17.17
CA TRP D 16 19.77 10.49 15.81
C TRP D 16 18.53 10.70 14.97
N ASN D 17 17.56 9.79 15.06
CA ASN D 17 16.35 9.95 14.27
C ASN D 17 15.60 11.23 14.64
N GLN D 18 15.81 11.71 15.88
CA GLN D 18 15.13 12.93 16.33
C GLN D 18 15.55 14.16 15.56
N ILE D 19 16.81 14.19 15.14
CA ILE D 19 17.32 15.34 14.42
C ILE D 19 17.78 15.06 13.00
N TYR D 20 17.56 13.85 12.50
CA TYR D 20 17.97 13.57 11.15
C TYR D 20 17.07 12.57 10.48
N ASN D 21 16.32 13.05 9.49
CA ASN D 21 15.43 12.20 8.72
C ASN D 21 14.90 13.01 7.55
N ALA D 22 14.41 12.31 6.54
CA ALA D 22 13.91 12.95 5.33
C ALA D 22 12.72 13.88 5.51
N GLY D 23 12.22 13.97 6.73
CA GLY D 23 11.08 14.84 6.94
C GLY D 23 11.50 16.22 7.33
N ILE D 24 12.81 16.42 7.51
CA ILE D 24 13.36 17.70 7.93
C ILE D 24 13.64 18.69 6.79
N GLY D 25 13.16 19.92 6.97
CA GLY D 25 13.32 20.98 5.99
C GLY D 25 14.75 21.24 5.61
N ALA D 26 15.02 21.27 4.30
CA ALA D 26 16.37 21.50 3.76
C ALA D 26 17.10 22.61 4.48
N LYS D 27 16.35 23.48 5.14
CA LYS D 27 16.90 24.60 5.90
C LYS D 27 17.73 24.16 7.10
N SER D 28 17.33 23.06 7.73
CA SER D 28 18.07 22.57 8.87
C SER D 28 19.26 21.74 8.42
N ARG D 29 19.06 20.91 7.39
CA ARG D 29 20.15 20.08 6.88
C ARG D 29 21.35 20.99 6.68
N TRP D 30 21.14 22.04 5.90
CA TRP D 30 22.17 23.02 5.60
C TRP D 30 22.85 23.50 6.87
N THR D 31 22.05 23.96 7.83
CA THR D 31 22.59 24.47 9.07
C THR D 31 23.49 23.44 9.76
N MET D 32 23.14 22.16 9.64
CA MET D 32 23.96 21.11 10.24
C MET D 32 25.25 20.87 9.46
N GLY D 33 25.12 20.80 8.14
CA GLY D 33 26.28 20.61 7.29
C GLY D 33 27.33 21.65 7.65
N ASN D 34 26.96 22.92 7.50
CA ASN D 34 27.86 24.01 7.81
C ASN D 34 28.43 23.84 9.22
N GLU D 35 27.56 23.92 10.21
CA GLU D 35 27.98 23.76 11.61
C GLU D 35 29.06 22.69 11.81
N ILE D 36 28.81 21.50 11.28
CA ILE D 36 29.73 20.37 11.39
C ILE D 36 31.07 20.60 10.70
N PHE D 37 31.08 21.27 9.56
CA PHE D 37 32.32 21.52 8.85
C PHE D 37 33.01 22.81 9.28
N SER D 38 32.23 23.82 9.64
CA SER D 38 32.79 25.08 10.10
C SER D 38 33.43 24.82 11.45
N SER D 39 33.16 23.65 12.00
CA SER D 39 33.72 23.26 13.30
C SER D 39 34.87 22.30 13.06
N LEU D 40 34.80 21.56 11.97
CA LEU D 40 35.85 20.61 11.61
C LEU D 40 37.07 21.42 11.17
N PHE D 41 36.80 22.42 10.35
CA PHE D 41 37.82 23.30 9.83
C PHE D 41 38.53 24.04 10.96
N LYS D 42 37.79 24.76 11.81
CA LYS D 42 38.42 25.48 12.92
C LYS D 42 39.29 24.57 13.78
N LEU D 43 39.15 23.26 13.60
CA LEU D 43 39.93 22.28 14.35
C LEU D 43 41.09 21.76 13.49
N LYS D 44 40.85 21.65 12.19
CA LYS D 44 41.86 21.19 11.26
C LYS D 44 41.60 21.90 9.93
N PRO D 45 42.06 23.16 9.82
CA PRO D 45 41.87 23.95 8.60
C PRO D 45 42.66 23.36 7.45
N GLU D 46 43.73 22.66 7.80
CA GLU D 46 44.59 22.03 6.80
C GLU D 46 43.78 21.01 5.99
N SER D 47 42.59 20.67 6.48
CA SER D 47 41.74 19.71 5.79
C SER D 47 40.75 20.38 4.85
N GLU D 48 40.53 21.68 5.03
CA GLU D 48 39.59 22.39 4.18
C GLU D 48 39.89 22.26 2.69
N VAL D 49 41.17 22.15 2.36
CA VAL D 49 41.59 22.04 0.97
C VAL D 49 41.14 20.75 0.26
N LEU D 50 40.80 19.72 1.03
CA LEU D 50 40.38 18.45 0.47
C LEU D 50 39.05 18.51 -0.26
N PHE D 51 38.27 19.54 0.05
CA PHE D 51 36.94 19.69 -0.55
C PHE D 51 36.88 20.68 -1.70
N ASN D 52 37.75 20.52 -2.70
CA ASN D 52 37.75 21.41 -3.85
C ASN D 52 36.58 21.11 -4.76
N ASN D 53 36.53 19.89 -5.28
CA ASN D 53 35.45 19.48 -6.17
C ASN D 53 34.09 19.94 -5.67
N VAL D 54 33.84 19.76 -4.38
CA VAL D 54 32.57 20.14 -3.81
C VAL D 54 32.44 21.63 -3.55
N ASN D 55 33.31 22.42 -4.17
CA ASN D 55 33.27 23.87 -4.04
C ASN D 55 33.34 24.31 -2.57
N VAL D 56 34.42 23.96 -1.89
CA VAL D 56 34.54 24.32 -0.49
C VAL D 56 34.78 25.82 -0.39
N ALA D 57 35.17 26.41 -1.53
CA ALA D 57 35.42 27.84 -1.61
C ALA D 57 34.20 28.51 -1.01
N ASN D 58 33.03 28.03 -1.44
CA ASN D 58 31.79 28.56 -0.91
C ASN D 58 31.00 27.45 -0.23
N MET D 59 30.84 27.58 1.08
CA MET D 59 30.11 26.59 1.86
C MET D 59 28.61 26.76 1.71
N SER D 60 28.21 27.78 0.97
CA SER D 60 26.81 28.07 0.76
C SER D 60 26.38 27.73 -0.66
N SER D 61 27.08 26.78 -1.29
CA SER D 61 26.79 26.39 -2.67
C SER D 61 26.06 25.06 -2.82
N GLY D 62 24.97 25.07 -3.59
CA GLY D 62 24.23 23.85 -3.81
C GLY D 62 25.18 22.69 -4.06
N ALA D 63 26.43 22.98 -4.43
CA ALA D 63 27.42 21.94 -4.70
C ALA D 63 27.99 21.35 -3.42
N PHE D 64 28.37 22.24 -2.51
CA PHE D 64 28.95 21.82 -1.24
C PHE D 64 27.90 21.24 -0.30
N HIS D 65 26.70 21.80 -0.35
CA HIS D 65 25.63 21.31 0.52
C HIS D 65 25.41 19.84 0.23
N ALA D 66 25.27 19.49 -1.04
CA ALA D 66 25.06 18.10 -1.42
C ALA D 66 26.14 17.20 -0.82
N HIS D 67 27.36 17.69 -0.78
CA HIS D 67 28.46 16.91 -0.22
C HIS D 67 28.31 16.66 1.27
N THR D 68 27.94 17.68 2.02
CA THR D 68 27.78 17.48 3.45
C THR D 68 26.62 16.53 3.65
N VAL D 69 25.62 16.63 2.78
CA VAL D 69 24.47 15.76 2.92
C VAL D 69 24.85 14.31 2.64
N ARG D 70 25.64 14.05 1.61
CA ARG D 70 25.99 12.66 1.38
C ARG D 70 27.01 12.13 2.41
N VAL D 71 27.64 13.04 3.15
CA VAL D 71 28.57 12.62 4.19
C VAL D 71 27.65 12.22 5.35
N LEU D 72 26.80 13.17 5.75
CA LEU D 72 25.86 12.93 6.82
C LEU D 72 24.89 11.82 6.45
N SER D 73 24.66 11.61 5.15
CA SER D 73 23.76 10.54 4.71
C SER D 73 24.41 9.17 4.92
N GLY D 74 25.74 9.15 4.82
CA GLY D 74 26.52 7.93 5.02
C GLY D 74 26.60 7.64 6.50
N LEU D 75 26.68 8.69 7.31
CA LEU D 75 26.71 8.55 8.75
C LEU D 75 25.29 8.25 9.24
N ASP D 76 24.32 8.37 8.34
CA ASP D 76 22.90 8.12 8.61
C ASP D 76 22.65 6.63 8.47
N MET D 77 23.32 6.05 7.49
CA MET D 77 23.22 4.64 7.16
C MET D 77 23.96 3.77 8.17
N GLY D 78 25.00 4.33 8.78
CA GLY D 78 25.77 3.58 9.76
C GLY D 78 25.04 3.51 11.08
N ILE D 79 24.59 4.65 11.57
CA ILE D 79 23.86 4.71 12.82
C ILE D 79 22.61 3.82 12.75
N ASN D 80 21.93 3.84 11.61
CA ASN D 80 20.70 3.07 11.40
C ASN D 80 20.92 1.59 11.10
N TYR D 81 22.19 1.19 10.99
CA TYR D 81 22.52 -0.20 10.74
C TYR D 81 23.41 -0.74 11.84
N LEU D 82 23.44 -0.03 12.96
CA LEU D 82 24.23 -0.42 14.12
C LEU D 82 23.83 -1.79 14.65
N ASN D 83 22.58 -2.18 14.46
CA ASN D 83 22.09 -3.47 14.96
C ASN D 83 22.35 -4.63 14.02
N ASP D 84 23.13 -4.40 12.98
CA ASP D 84 23.43 -5.43 12.01
C ASP D 84 24.91 -5.36 11.68
N ALA D 85 25.73 -5.89 12.59
CA ALA D 85 27.18 -5.93 12.43
C ALA D 85 27.57 -6.43 11.05
N GLY D 86 26.92 -7.51 10.63
CA GLY D 86 27.22 -8.07 9.33
C GLY D 86 27.33 -7.02 8.25
N THR D 87 26.18 -6.44 7.89
CA THR D 87 26.16 -5.42 6.87
C THR D 87 26.97 -4.18 7.24
N LEU D 88 26.90 -3.78 8.49
CA LEU D 88 27.64 -2.59 8.90
C LEU D 88 29.13 -2.75 8.70
N THR D 89 29.65 -3.96 8.91
CA THR D 89 31.06 -4.15 8.74
C THR D 89 31.43 -3.90 7.29
N SER D 90 30.63 -4.44 6.37
CA SER D 90 30.87 -4.25 4.94
C SER D 90 30.71 -2.78 4.53
N LEU D 91 29.65 -2.13 5.03
CA LEU D 91 29.39 -0.73 4.73
C LEU D 91 30.56 0.17 5.14
N THR D 92 31.20 -0.15 6.26
CA THR D 92 32.33 0.65 6.72
C THR D 92 33.62 0.27 6.01
N ALA D 93 33.68 -0.93 5.44
CA ALA D 93 34.90 -1.30 4.74
C ALA D 93 34.89 -0.55 3.44
N HIS D 94 33.71 -0.54 2.82
CA HIS D 94 33.48 0.13 1.55
C HIS D 94 33.83 1.62 1.69
N LEU D 95 33.46 2.22 2.81
CA LEU D 95 33.75 3.64 3.06
C LEU D 95 35.23 3.93 3.31
N ALA D 96 35.97 2.91 3.75
CA ALA D 96 37.39 3.08 4.00
C ALA D 96 38.11 3.02 2.68
N ALA D 97 37.74 2.04 1.85
CA ALA D 97 38.36 1.90 0.54
C ALA D 97 38.35 3.24 -0.19
N GLN D 98 37.30 4.02 0.02
CA GLN D 98 37.17 5.31 -0.64
C GLN D 98 37.96 6.43 0.02
N HIS D 99 37.77 6.64 1.32
CA HIS D 99 38.49 7.71 2.01
C HIS D 99 40.01 7.51 1.99
N VAL D 100 40.43 6.28 1.70
CA VAL D 100 41.85 5.97 1.63
C VAL D 100 42.34 6.15 0.20
N ALA D 101 41.65 5.54 -0.76
CA ALA D 101 42.04 5.69 -2.16
C ALA D 101 42.00 7.18 -2.52
N ARG D 102 41.76 8.02 -1.53
CA ARG D 102 41.72 9.47 -1.72
C ARG D 102 42.97 10.01 -1.03
N THR D 103 43.64 10.95 -1.66
CA THR D 103 44.88 11.50 -1.13
C THR D 103 44.77 12.62 -0.10
N GLY D 104 45.74 12.66 0.81
CA GLY D 104 45.76 13.70 1.83
C GLY D 104 44.87 13.51 3.05
N LEU D 105 44.07 12.45 3.08
CA LEU D 105 43.20 12.21 4.22
C LEU D 105 43.91 11.56 5.39
N LYS D 106 44.13 12.31 6.46
CA LYS D 106 44.79 11.79 7.64
C LYS D 106 43.75 11.30 8.67
N ALA D 107 44.04 10.19 9.32
CA ALA D 107 43.14 9.62 10.32
C ALA D 107 42.78 10.64 11.39
N VAL D 108 43.76 11.46 11.76
CA VAL D 108 43.56 12.48 12.79
C VAL D 108 42.44 13.42 12.35
N TYR D 109 42.17 13.47 11.06
CA TYR D 109 41.09 14.33 10.56
C TYR D 109 39.76 13.77 11.05
N PHE D 110 39.58 12.47 10.93
CA PHE D 110 38.35 11.84 11.39
C PHE D 110 38.19 12.08 12.87
N ASP D 111 39.27 11.89 13.64
CA ASP D 111 39.22 12.12 15.06
C ASP D 111 38.66 13.52 15.27
N ALA D 112 39.07 14.45 14.42
CA ALA D 112 38.57 15.81 14.51
C ALA D 112 37.06 15.79 14.27
N MET D 113 36.64 15.09 13.23
CA MET D 113 35.21 14.99 12.91
C MET D 113 34.44 14.39 14.08
N GLY D 114 35.08 13.46 14.78
CA GLY D 114 34.45 12.82 15.93
C GLY D 114 34.15 13.85 17.00
N LYS D 115 35.19 14.55 17.44
CA LYS D 115 35.04 15.58 18.47
C LYS D 115 34.03 16.65 18.05
N VAL D 116 33.99 16.97 16.76
CA VAL D 116 33.06 17.96 16.25
C VAL D 116 31.63 17.49 16.53
N LEU D 117 31.31 16.29 16.04
CA LEU D 117 30.00 15.69 16.22
C LEU D 117 29.66 15.62 17.70
N MET D 118 30.56 15.06 18.50
CA MET D 118 30.34 14.96 19.94
C MET D 118 29.98 16.28 20.59
N THR D 119 30.51 17.37 20.02
CA THR D 119 30.28 18.70 20.57
C THR D 119 29.06 19.35 19.91
N VAL D 120 28.92 19.15 18.62
CA VAL D 120 27.82 19.75 17.89
C VAL D 120 26.44 19.15 18.22
N LEU D 121 26.32 17.83 18.12
CA LEU D 121 25.03 17.21 18.31
C LEU D 121 24.26 17.52 19.57
N PRO D 122 24.94 17.50 20.72
CA PRO D 122 24.22 17.80 21.96
C PRO D 122 23.52 19.13 21.97
N SER D 123 23.76 19.95 20.96
CA SER D 123 23.08 21.23 20.89
C SER D 123 21.75 21.04 20.17
N LEU D 124 21.63 19.94 19.43
CA LEU D 124 20.42 19.63 18.68
C LEU D 124 19.52 18.58 19.35
N ILE D 125 20.15 17.55 19.92
CA ILE D 125 19.45 16.43 20.59
C ILE D 125 19.11 16.64 22.09
N ASP D 126 17.92 16.18 22.49
CA ASP D 126 17.47 16.30 23.88
C ASP D 126 18.17 15.25 24.73
N ASN D 127 18.73 15.67 25.86
CA ASN D 127 19.40 14.76 26.77
C ASN D 127 20.38 13.85 26.05
N PHE D 128 21.10 14.41 25.08
CA PHE D 128 22.09 13.67 24.31
C PHE D 128 22.92 12.80 25.26
N ASN D 129 23.17 11.55 24.87
CA ASN D 129 23.96 10.67 25.73
C ASN D 129 25.37 10.44 25.19
N PRO D 130 26.35 11.15 25.75
CA PRO D 130 27.76 11.05 25.34
C PRO D 130 28.35 9.64 25.36
N ASP D 131 28.01 8.86 26.37
CA ASP D 131 28.53 7.50 26.51
C ASP D 131 28.02 6.50 25.46
N ALA D 132 26.70 6.40 25.34
CA ALA D 132 26.10 5.49 24.36
C ALA D 132 26.69 5.83 23.00
N TRP D 133 26.73 7.11 22.65
CA TRP D 133 27.29 7.54 21.37
C TRP D 133 28.76 7.18 21.25
N ARG D 134 29.54 7.44 22.29
CA ARG D 134 30.96 7.13 22.22
C ARG D 134 31.14 5.64 21.90
N ASN D 135 30.46 4.76 22.66
CA ASN D 135 30.58 3.32 22.42
C ASN D 135 30.14 2.91 21.02
N CYS D 136 29.19 3.64 20.43
CA CYS D 136 28.73 3.32 19.08
C CYS D 136 29.49 4.07 18.00
N LEU D 137 29.73 5.36 18.22
CA LEU D 137 30.42 6.20 17.24
C LEU D 137 31.89 5.91 17.00
N LEU D 138 32.65 5.65 18.07
CA LEU D 138 34.08 5.37 17.93
C LEU D 138 34.31 4.20 16.98
N PRO D 139 33.67 3.06 17.23
CA PRO D 139 33.88 1.92 16.32
C PRO D 139 33.68 2.35 14.86
N LEU D 140 32.62 3.12 14.61
CA LEU D 140 32.34 3.59 13.27
C LEU D 140 33.51 4.38 12.71
N LYS D 141 33.95 5.42 13.43
CA LYS D 141 35.09 6.22 12.99
C LYS D 141 36.24 5.30 12.57
N ASN D 142 36.87 4.65 13.55
CA ASN D 142 37.98 3.73 13.30
C ASN D 142 37.75 2.72 12.17
N ALA D 143 36.51 2.27 12.02
CA ALA D 143 36.18 1.31 10.97
C ALA D 143 36.20 1.98 9.61
N ILE D 144 35.69 3.21 9.55
CA ILE D 144 35.66 3.98 8.30
C ILE D 144 37.06 4.43 7.93
N ALA D 145 37.73 5.03 8.91
CA ALA D 145 39.07 5.57 8.75
C ALA D 145 40.18 4.56 9.05
N LYS D 146 39.94 3.31 8.66
CA LYS D 146 40.92 2.26 8.86
C LYS D 146 41.82 2.20 7.64
N GLY D 147 42.99 2.83 7.75
CA GLY D 147 43.95 2.85 6.66
C GLY D 147 44.47 4.26 6.44
N LEU D 148 43.78 5.23 7.03
CA LEU D 148 44.19 6.61 6.88
C LEU D 148 45.42 6.90 7.71
N PRO D 149 46.51 7.34 7.05
CA PRO D 149 47.76 7.65 7.71
C PRO D 149 47.57 8.76 8.77
N ASP E 1 0.55 -6.00 -23.62
CA ASP E 1 0.86 -6.97 -22.53
C ASP E 1 -0.40 -7.49 -21.83
N CYS E 2 -0.41 -7.37 -20.50
CA CYS E 2 -1.48 -7.92 -19.62
C CYS E 2 -1.86 -9.35 -20.03
N ASN E 3 -0.85 -10.20 -20.14
CA ASN E 3 -1.02 -11.61 -20.51
C ASN E 3 -1.90 -12.28 -19.47
N ILE E 4 -2.43 -13.46 -19.75
CA ILE E 4 -3.27 -14.15 -18.75
C ILE E 4 -2.66 -14.31 -17.34
N LEU E 5 -1.36 -14.56 -17.25
CA LEU E 5 -0.66 -14.72 -15.96
C LEU E 5 -0.95 -13.54 -15.04
N GLN E 6 -0.77 -12.32 -15.56
CA GLN E 6 -1.03 -11.12 -14.80
C GLN E 6 -2.52 -10.89 -14.58
N ARG E 7 -3.34 -11.37 -15.50
CA ARG E 7 -4.78 -11.22 -15.35
C ARG E 7 -5.23 -12.05 -14.15
N LEU E 8 -4.81 -13.31 -14.08
CA LEU E 8 -5.15 -14.16 -12.94
C LEU E 8 -4.61 -13.55 -11.65
N LYS E 9 -3.52 -12.81 -11.76
CA LYS E 9 -2.89 -12.16 -10.60
C LYS E 9 -3.66 -10.95 -10.15
N VAL E 10 -3.89 -10.01 -11.06
CA VAL E 10 -4.66 -8.82 -10.73
C VAL E 10 -5.99 -9.24 -10.13
N LYS E 11 -6.51 -10.38 -10.55
CA LYS E 11 -7.78 -10.82 -10.00
C LYS E 11 -7.62 -11.14 -8.51
N MET E 12 -6.59 -11.91 -8.16
CA MET E 12 -6.36 -12.27 -6.77
C MET E 12 -6.06 -11.06 -5.90
N GLN E 13 -5.11 -10.24 -6.31
CA GLN E 13 -4.79 -9.06 -5.51
C GLN E 13 -6.06 -8.23 -5.32
N TRP E 14 -6.83 -8.04 -6.39
CA TRP E 14 -8.07 -7.27 -6.28
C TRP E 14 -9.04 -7.91 -5.29
N ALA E 15 -9.50 -9.12 -5.61
CA ALA E 15 -10.43 -9.83 -4.76
C ALA E 15 -10.05 -9.70 -3.29
N LYS E 16 -8.76 -9.70 -3.04
CA LYS E 16 -8.24 -9.59 -1.68
C LYS E 16 -8.44 -8.17 -1.14
N ALA E 17 -7.89 -7.19 -1.85
CA ALA E 17 -8.01 -5.81 -1.40
C ALA E 17 -9.44 -5.30 -1.33
N TYR E 18 -10.29 -5.71 -2.27
CA TYR E 18 -11.67 -5.26 -2.29
C TYR E 18 -12.52 -5.77 -1.13
N GLY E 19 -12.21 -6.98 -0.67
CA GLY E 19 -12.94 -7.58 0.44
C GLY E 19 -14.40 -7.78 0.13
N PHE E 20 -15.19 -8.07 1.16
CA PHE E 20 -16.61 -8.27 1.00
C PHE E 20 -17.40 -7.53 2.09
N GLY E 21 -18.71 -7.40 1.94
CA GLY E 21 -19.51 -6.71 2.93
C GLY E 21 -19.15 -5.24 3.10
N THR E 22 -19.00 -4.80 4.34
CA THR E 22 -18.67 -3.42 4.63
C THR E 22 -17.35 -3.03 3.98
N GLU E 23 -16.45 -3.99 3.86
CA GLU E 23 -15.13 -3.77 3.27
C GLU E 23 -15.28 -3.01 1.96
N ARG E 24 -16.18 -3.51 1.12
CA ARG E 24 -16.40 -2.89 -0.18
C ARG E 24 -16.76 -1.42 -0.12
N ALA E 25 -17.77 -1.08 0.67
CA ALA E 25 -18.16 0.32 0.79
C ALA E 25 -16.94 1.14 1.23
N LYS E 26 -16.24 0.65 2.24
CA LYS E 26 -15.07 1.34 2.75
C LYS E 26 -13.96 1.52 1.72
N PHE E 27 -13.66 0.46 0.98
CA PHE E 27 -12.62 0.54 -0.03
C PHE E 27 -12.97 1.60 -1.08
N GLY E 28 -14.24 1.60 -1.49
CA GLY E 28 -14.69 2.54 -2.48
C GLY E 28 -14.65 3.99 -2.02
N ASN E 29 -14.95 4.22 -0.76
CA ASN E 29 -14.94 5.57 -0.27
C ASN E 29 -13.51 6.14 -0.30
N SER E 30 -12.52 5.27 -0.12
CA SER E 30 -11.11 5.67 -0.11
C SER E 30 -10.62 5.92 -1.53
N LEU E 31 -11.12 5.11 -2.46
CA LEU E 31 -10.74 5.25 -3.84
C LEU E 31 -11.29 6.58 -4.34
N TRP E 32 -12.57 6.86 -4.11
CA TRP E 32 -13.11 8.14 -4.55
C TRP E 32 -12.58 9.35 -3.80
N THR E 33 -12.19 9.19 -2.56
CA THR E 33 -11.63 10.33 -1.86
C THR E 33 -10.27 10.58 -2.49
N SER E 34 -9.72 9.52 -3.10
CA SER E 34 -8.43 9.66 -3.74
C SER E 34 -8.63 10.40 -5.07
N ILE E 35 -9.67 10.02 -5.80
CA ILE E 35 -9.94 10.67 -7.07
C ILE E 35 -10.20 12.16 -6.93
N PHE E 36 -11.08 12.54 -6.01
CA PHE E 36 -11.38 13.96 -5.83
C PHE E 36 -10.23 14.78 -5.22
N ASN E 37 -9.16 14.14 -4.76
CA ASN E 37 -8.01 14.87 -4.21
C ASN E 37 -6.91 14.94 -5.26
N TYR E 38 -6.94 13.96 -6.17
CA TYR E 38 -5.99 13.90 -7.27
C TYR E 38 -6.43 14.96 -8.29
N ALA E 39 -7.74 15.11 -8.43
CA ALA E 39 -8.33 16.04 -9.38
C ALA E 39 -9.60 16.71 -8.83
N PRO E 40 -9.48 17.63 -7.87
CA PRO E 40 -10.66 18.30 -7.32
C PRO E 40 -11.83 18.49 -8.31
N ASP E 41 -11.51 19.01 -9.50
CA ASP E 41 -12.49 19.26 -10.54
C ASP E 41 -13.35 18.06 -10.91
N ALA E 42 -12.73 16.90 -11.00
CA ALA E 42 -13.43 15.68 -11.37
C ALA E 42 -14.76 15.50 -10.64
N ARG E 43 -14.86 16.10 -9.47
CA ARG E 43 -16.05 16.00 -8.62
C ARG E 43 -17.37 16.54 -9.21
N ASP E 44 -17.30 17.74 -9.80
CA ASP E 44 -18.46 18.38 -10.39
C ASP E 44 -19.11 17.59 -11.51
N LEU E 45 -18.42 16.57 -11.97
CA LEU E 45 -18.94 15.73 -13.04
C LEU E 45 -19.99 14.77 -12.50
N PHE E 46 -20.17 14.75 -11.18
CA PHE E 46 -21.12 13.83 -10.55
C PHE E 46 -22.24 14.49 -9.74
N LYS E 47 -22.59 15.73 -10.06
CA LYS E 47 -23.63 16.44 -9.33
C LYS E 47 -24.95 15.67 -9.30
N SER E 48 -25.26 14.95 -10.37
CA SER E 48 -26.48 14.16 -10.48
C SER E 48 -26.62 13.05 -9.44
N VAL E 49 -25.51 12.62 -8.85
CA VAL E 49 -25.55 11.56 -7.84
C VAL E 49 -25.15 12.13 -6.49
N LYS E 50 -25.54 13.38 -6.24
CA LYS E 50 -25.25 14.06 -4.99
C LYS E 50 -23.78 14.08 -4.56
N SER E 51 -22.86 14.32 -5.49
CA SER E 51 -21.43 14.36 -5.18
C SER E 51 -21.08 15.58 -4.33
N GLU E 52 -22.10 16.27 -3.82
CA GLU E 52 -21.86 17.43 -2.96
C GLU E 52 -21.38 16.87 -1.63
N ASP E 53 -21.90 15.69 -1.28
CA ASP E 53 -21.54 15.00 -0.05
C ASP E 53 -21.31 13.52 -0.33
N MET E 54 -20.08 13.06 -0.08
CA MET E 54 -19.69 11.70 -0.33
C MET E 54 -20.35 10.67 0.57
N ARG E 55 -20.91 11.10 1.70
CA ARG E 55 -21.55 10.20 2.63
C ARG E 55 -23.04 10.00 2.33
N SER E 56 -23.60 10.85 1.47
CA SER E 56 -25.01 10.73 1.11
C SER E 56 -25.27 9.40 0.40
N PRO E 57 -26.33 8.67 0.79
CA PRO E 57 -26.63 7.39 0.16
C PRO E 57 -26.68 7.45 -1.35
N GLN E 58 -26.94 8.64 -1.90
CA GLN E 58 -26.99 8.80 -3.35
C GLN E 58 -25.63 8.47 -3.95
N PHE E 59 -24.60 9.08 -3.37
CA PHE E 59 -23.22 8.90 -3.82
C PHE E 59 -22.59 7.60 -3.37
N LYS E 60 -22.98 7.11 -2.20
CA LYS E 60 -22.42 5.85 -1.74
C LYS E 60 -22.90 4.78 -2.71
N ALA E 61 -24.12 4.96 -3.22
CA ALA E 61 -24.70 4.00 -4.16
C ALA E 61 -23.98 4.07 -5.49
N HIS E 62 -23.53 5.26 -5.86
CA HIS E 62 -22.79 5.44 -7.10
C HIS E 62 -21.47 4.69 -6.97
N ILE E 63 -20.79 4.91 -5.85
CA ILE E 63 -19.53 4.22 -5.61
C ILE E 63 -19.78 2.73 -5.71
N ALA E 64 -20.88 2.28 -5.11
CA ALA E 64 -21.24 0.87 -5.13
C ALA E 64 -21.42 0.37 -6.55
N ARG E 65 -22.00 1.23 -7.40
CA ARG E 65 -22.24 0.87 -8.78
C ARG E 65 -20.97 0.79 -9.64
N VAL E 66 -20.10 1.78 -9.50
CA VAL E 66 -18.87 1.84 -10.28
C VAL E 66 -17.79 0.83 -9.95
N ILE E 67 -17.24 0.89 -8.75
CA ILE E 67 -16.21 -0.06 -8.41
C ILE E 67 -16.89 -1.44 -8.33
N GLY E 68 -18.21 -1.42 -8.29
CA GLY E 68 -18.96 -2.66 -8.28
C GLY E 68 -18.75 -3.17 -9.70
N GLY E 69 -18.75 -2.23 -10.64
CA GLY E 69 -18.52 -2.58 -12.02
C GLY E 69 -17.07 -3.00 -12.19
N LEU E 70 -16.17 -2.16 -11.69
CA LEU E 70 -14.75 -2.47 -11.76
C LEU E 70 -14.57 -3.91 -11.35
N ASP E 71 -15.23 -4.31 -10.26
CA ASP E 71 -15.14 -5.68 -9.79
C ASP E 71 -15.53 -6.67 -10.89
N ARG E 72 -16.73 -6.52 -11.46
CA ARG E 72 -17.15 -7.45 -12.50
C ARG E 72 -16.20 -7.46 -13.68
N VAL E 73 -15.85 -6.28 -14.18
CA VAL E 73 -14.93 -6.22 -15.31
C VAL E 73 -13.69 -7.06 -14.99
N ILE E 74 -12.92 -6.66 -13.98
CA ILE E 74 -11.72 -7.41 -13.58
C ILE E 74 -11.99 -8.91 -13.41
N SER E 75 -13.20 -9.26 -12.97
CA SER E 75 -13.55 -10.65 -12.76
C SER E 75 -13.59 -11.42 -14.06
N MET E 76 -13.65 -10.72 -15.19
CA MET E 76 -13.70 -11.40 -16.49
C MET E 76 -12.38 -11.35 -17.26
N PHE E 77 -11.37 -10.71 -16.69
CA PHE E 77 -10.06 -10.59 -17.32
C PHE E 77 -9.61 -11.90 -17.98
N ASP E 78 -10.18 -13.02 -17.57
CA ASP E 78 -9.76 -14.29 -18.15
C ASP E 78 -10.70 -14.86 -19.23
N ASN E 79 -11.56 -13.99 -19.76
CA ASN E 79 -12.51 -14.37 -20.81
C ASN E 79 -12.69 -13.20 -21.77
N GLU E 80 -11.74 -13.07 -22.70
CA GLU E 80 -11.72 -12.03 -23.74
C GLU E 80 -13.11 -11.70 -24.28
N ASP E 81 -13.86 -12.73 -24.65
CA ASP E 81 -15.20 -12.56 -25.22
C ASP E 81 -16.11 -11.78 -24.30
N ALA E 82 -16.44 -12.39 -23.16
CA ALA E 82 -17.28 -11.74 -22.18
C ALA E 82 -16.66 -10.40 -21.83
N LEU E 83 -15.41 -10.41 -21.38
CA LEU E 83 -14.75 -9.16 -21.01
C LEU E 83 -14.98 -8.07 -22.05
N ASN E 84 -14.80 -8.40 -23.32
CA ASN E 84 -14.98 -7.41 -24.36
C ASN E 84 -16.43 -7.05 -24.60
N ALA E 85 -17.31 -8.04 -24.47
CA ALA E 85 -18.72 -7.76 -24.67
C ALA E 85 -19.17 -6.69 -23.66
N ASP E 86 -18.86 -6.93 -22.39
CA ASP E 86 -19.24 -6.02 -21.31
C ASP E 86 -18.39 -4.75 -21.28
N LEU E 87 -17.14 -4.83 -21.76
CA LEU E 87 -16.30 -3.65 -21.76
C LEU E 87 -16.86 -2.71 -22.82
N GLU E 88 -17.53 -3.30 -23.82
CA GLU E 88 -18.14 -2.53 -24.90
C GLU E 88 -19.41 -1.90 -24.35
N HIS E 89 -20.25 -2.74 -23.73
CA HIS E 89 -21.51 -2.30 -23.14
C HIS E 89 -21.33 -1.06 -22.27
N LEU E 90 -20.15 -0.92 -21.67
CA LEU E 90 -19.86 0.24 -20.83
C LEU E 90 -19.50 1.44 -21.67
N LYS E 91 -18.79 1.20 -22.77
CA LYS E 91 -18.39 2.30 -23.63
C LYS E 91 -19.62 3.07 -24.09
N SER E 92 -20.69 2.34 -24.45
CA SER E 92 -21.91 2.99 -24.90
C SER E 92 -22.60 3.76 -23.76
N GLN E 93 -22.49 3.25 -22.54
CA GLN E 93 -23.10 3.91 -21.41
C GLN E 93 -22.28 5.16 -21.05
N HIS E 94 -20.98 5.12 -21.28
CA HIS E 94 -20.16 6.26 -20.97
C HIS E 94 -19.93 7.24 -22.13
N ASP E 95 -19.98 6.76 -23.37
CA ASP E 95 -19.75 7.65 -24.51
C ASP E 95 -20.54 8.96 -24.43
N PRO E 96 -21.87 8.88 -24.39
CA PRO E 96 -22.68 10.11 -24.29
C PRO E 96 -22.37 11.06 -23.13
N ARG E 97 -21.78 10.55 -22.05
CA ARG E 97 -21.48 11.43 -20.93
C ARG E 97 -20.42 12.43 -21.36
N GLY E 98 -19.81 12.20 -22.52
CA GLY E 98 -18.78 13.10 -23.00
C GLY E 98 -17.79 13.37 -21.89
N LEU E 99 -17.02 12.33 -21.53
CA LEU E 99 -16.04 12.42 -20.45
C LEU E 99 -14.60 12.47 -20.95
N ASP E 100 -13.86 13.46 -20.46
CA ASP E 100 -12.46 13.65 -20.81
C ASP E 100 -11.75 12.37 -20.33
N ALA E 101 -11.05 11.68 -21.23
CA ALA E 101 -10.34 10.45 -20.90
C ALA E 101 -9.26 10.65 -19.83
N LEU E 102 -8.90 11.90 -19.57
CA LEU E 102 -7.90 12.21 -18.55
C LEU E 102 -8.32 11.75 -17.16
N ASN E 103 -9.62 11.76 -16.88
CA ASN E 103 -10.08 11.32 -15.57
C ASN E 103 -9.86 9.81 -15.45
N PHE E 104 -10.08 9.10 -16.55
CA PHE E 104 -9.85 7.67 -16.51
C PHE E 104 -8.40 7.37 -16.12
N VAL E 105 -7.53 8.36 -16.28
CA VAL E 105 -6.14 8.18 -15.91
C VAL E 105 -6.08 8.34 -14.40
N VAL E 106 -6.86 9.28 -13.87
CA VAL E 106 -6.89 9.50 -12.44
C VAL E 106 -7.51 8.29 -11.76
N PHE E 107 -8.57 7.76 -12.35
CA PHE E 107 -9.22 6.59 -11.76
C PHE E 107 -8.20 5.47 -11.70
N GLY E 108 -7.22 5.52 -12.60
CA GLY E 108 -6.17 4.52 -12.63
C GLY E 108 -5.26 4.68 -11.42
N LYS E 109 -4.76 5.89 -11.21
CA LYS E 109 -3.89 6.16 -10.08
C LYS E 109 -4.64 5.99 -8.76
N ALA E 110 -5.89 6.44 -8.71
CA ALA E 110 -6.69 6.30 -7.49
C ALA E 110 -6.76 4.80 -7.14
N LEU E 111 -7.19 4.02 -8.13
CA LEU E 111 -7.33 2.57 -8.01
C LEU E 111 -6.03 1.94 -7.52
N PHE E 112 -4.93 2.24 -8.19
CA PHE E 112 -3.65 1.69 -7.82
C PHE E 112 -3.31 1.99 -6.36
N ALA E 113 -3.35 3.27 -6.00
CA ALA E 113 -3.03 3.69 -4.65
C ALA E 113 -3.90 2.99 -3.61
N THR E 114 -5.16 2.74 -3.94
CA THR E 114 -6.03 2.08 -2.97
C THR E 114 -5.78 0.56 -2.90
N VAL E 115 -5.65 -0.11 -4.04
CA VAL E 115 -5.40 -1.55 -3.97
C VAL E 115 -4.02 -1.79 -3.33
N GLY E 116 -3.03 -1.04 -3.78
CA GLY E 116 -1.68 -1.16 -3.25
C GLY E 116 -1.59 -0.86 -1.78
N GLY E 117 -2.29 0.18 -1.34
CA GLY E 117 -2.26 0.56 0.07
C GLY E 117 -3.09 -0.39 0.95
N GLN E 118 -3.92 -1.20 0.31
CA GLN E 118 -4.77 -2.14 1.03
C GLN E 118 -4.18 -3.54 0.99
N PHE E 119 -3.56 -3.88 -0.12
CA PHE E 119 -2.96 -5.20 -0.33
C PHE E 119 -1.54 -5.35 0.25
N GLY E 120 -0.87 -4.25 0.54
CA GLY E 120 0.46 -4.37 1.09
C GLY E 120 1.54 -4.31 0.04
N VAL E 121 2.78 -4.26 0.49
CA VAL E 121 3.95 -4.14 -0.37
C VAL E 121 4.01 -5.03 -1.61
N CYS E 122 3.44 -6.22 -1.57
CA CYS E 122 3.53 -7.10 -2.75
C CYS E 122 2.61 -6.73 -3.91
N PHE E 123 2.05 -5.54 -3.87
CA PHE E 123 1.19 -5.05 -4.94
C PHE E 123 1.98 -5.07 -6.23
N ASP E 124 1.40 -5.65 -7.28
CA ASP E 124 2.10 -5.67 -8.55
C ASP E 124 1.66 -4.43 -9.31
N LEU E 125 2.45 -3.37 -9.19
CA LEU E 125 2.11 -2.12 -9.86
C LEU E 125 2.09 -2.27 -11.39
N PRO E 126 3.13 -2.92 -11.96
CA PRO E 126 3.18 -3.11 -13.42
C PRO E 126 1.98 -3.89 -13.94
N ALA E 127 1.79 -5.10 -13.43
CA ALA E 127 0.68 -5.92 -13.88
C ALA E 127 -0.60 -5.10 -13.83
N TRP E 128 -0.82 -4.42 -12.71
CA TRP E 128 -2.00 -3.57 -12.54
C TRP E 128 -2.05 -2.45 -13.56
N GLU E 129 -0.96 -1.71 -13.74
CA GLU E 129 -0.99 -0.63 -14.74
C GLU E 129 -1.40 -1.15 -16.13
N SER E 130 -0.84 -2.29 -16.52
CA SER E 130 -1.10 -2.84 -17.83
C SER E 130 -2.53 -3.27 -18.01
N CYS E 131 -2.96 -4.19 -17.16
CA CYS E 131 -4.30 -4.71 -17.30
C CYS E 131 -5.44 -3.69 -17.10
N TYR E 132 -5.11 -2.51 -16.59
CA TYR E 132 -6.13 -1.48 -16.39
C TYR E 132 -6.20 -0.67 -17.66
N LYS E 133 -5.10 -0.63 -18.41
CA LYS E 133 -5.07 0.10 -19.67
C LYS E 133 -6.07 -0.61 -20.58
N VAL E 134 -6.25 -1.90 -20.35
CA VAL E 134 -7.17 -2.70 -21.12
C VAL E 134 -8.60 -2.24 -20.85
N ILE E 135 -8.93 -2.00 -19.59
CA ILE E 135 -10.27 -1.56 -19.23
C ILE E 135 -10.55 -0.13 -19.72
N ALA E 136 -9.56 0.74 -19.63
CA ALA E 136 -9.71 2.13 -20.07
C ALA E 136 -9.90 2.19 -21.60
N MET E 137 -9.06 1.49 -22.34
CA MET E 137 -9.17 1.46 -23.80
C MET E 137 -10.53 0.91 -24.19
N GLY E 138 -10.99 -0.08 -23.45
CA GLY E 138 -12.28 -0.69 -23.73
C GLY E 138 -13.44 0.25 -23.43
N ILE E 139 -13.26 1.14 -22.46
CA ILE E 139 -14.31 2.07 -22.11
C ILE E 139 -14.18 3.39 -22.84
N THR E 140 -13.03 4.04 -22.70
CA THR E 140 -12.82 5.32 -23.34
C THR E 140 -12.53 5.22 -24.82
N GLY E 141 -11.69 4.26 -25.18
CA GLY E 141 -11.34 4.11 -26.57
C GLY E 141 -10.16 5.01 -26.91
N ASN E 142 -9.95 6.07 -26.14
CA ASN E 142 -8.84 7.02 -26.36
C ASN E 142 -7.55 6.23 -26.50
N ASP E 143 -6.72 6.56 -27.49
CA ASP E 143 -5.46 5.86 -27.72
C ASP E 143 -4.40 6.26 -26.69
N MET E 144 -4.88 6.75 -25.55
CA MET E 144 -4.06 7.20 -24.42
C MET E 144 -3.73 5.97 -23.58
N PHE E 145 -4.59 4.95 -23.68
CA PHE E 145 -4.42 3.71 -22.92
C PHE E 145 -4.04 2.60 -23.87
N SER E 146 -3.03 2.83 -24.69
CA SER E 146 -2.59 1.81 -25.64
C SER E 146 -1.21 1.32 -25.22
N SER F 1 -27.00 -38.21 -7.25
CA SER F 1 -27.59 -38.55 -8.54
C SER F 1 -26.60 -38.35 -9.70
N GLU F 2 -26.78 -37.27 -10.44
CA GLU F 2 -25.90 -36.99 -11.57
C GLU F 2 -24.83 -35.94 -11.24
N CYS F 3 -23.63 -36.15 -11.76
CA CYS F 3 -22.51 -35.24 -11.53
C CYS F 3 -22.62 -34.03 -12.48
N GLY F 4 -23.68 -33.23 -12.29
CA GLY F 4 -23.89 -32.06 -13.12
C GLY F 4 -22.79 -31.00 -13.05
N PRO F 5 -23.07 -29.77 -13.54
CA PRO F 5 -22.10 -28.66 -13.54
C PRO F 5 -21.93 -28.10 -12.14
N LEU F 6 -23.06 -27.87 -11.48
CA LEU F 6 -23.09 -27.32 -10.13
C LEU F 6 -22.33 -28.23 -9.18
N GLN F 7 -22.68 -29.52 -9.20
CA GLN F 7 -22.05 -30.52 -8.33
C GLN F 7 -20.52 -30.62 -8.50
N ARG F 8 -20.01 -30.26 -9.68
CA ARG F 8 -18.57 -30.33 -9.91
C ARG F 8 -17.85 -29.17 -9.26
N LEU F 9 -18.54 -28.04 -9.15
CA LEU F 9 -17.95 -26.87 -8.54
C LEU F 9 -17.89 -27.09 -7.06
N LYS F 10 -19.02 -27.49 -6.46
CA LYS F 10 -19.05 -27.73 -5.02
C LYS F 10 -18.10 -28.83 -4.60
N VAL F 11 -17.74 -29.71 -5.53
CA VAL F 11 -16.83 -30.80 -5.21
C VAL F 11 -15.39 -30.30 -5.33
N LYS F 12 -15.10 -29.53 -6.38
CA LYS F 12 -13.76 -29.00 -6.58
C LYS F 12 -13.32 -28.33 -5.28
N ARG F 13 -14.19 -27.47 -4.77
CA ARG F 13 -13.90 -26.74 -3.55
C ARG F 13 -13.78 -27.68 -2.37
N GLN F 14 -14.90 -28.28 -1.94
CA GLN F 14 -14.85 -29.19 -0.80
C GLN F 14 -13.59 -30.07 -0.76
N TRP F 15 -13.11 -30.47 -1.93
CA TRP F 15 -11.92 -31.32 -1.99
C TRP F 15 -10.70 -30.52 -1.66
N ALA F 16 -10.48 -29.48 -2.46
CA ALA F 16 -9.35 -28.58 -2.30
C ALA F 16 -9.20 -28.19 -0.84
N GLU F 17 -10.34 -27.93 -0.19
CA GLU F 17 -10.36 -27.56 1.21
C GLU F 17 -9.88 -28.71 2.10
N ALA F 18 -10.43 -29.89 1.88
CA ALA F 18 -10.05 -31.06 2.66
C ALA F 18 -8.67 -31.62 2.29
N TYR F 19 -8.27 -31.47 1.04
CA TYR F 19 -6.97 -32.00 0.59
C TYR F 19 -5.89 -31.10 1.16
N GLY F 20 -6.32 -30.02 1.79
CA GLY F 20 -5.39 -29.08 2.37
C GLY F 20 -4.40 -28.59 1.37
N SER F 21 -3.25 -28.14 1.87
CA SER F 21 -2.21 -27.62 1.01
C SER F 21 -0.83 -28.14 1.36
N GLY F 22 -0.74 -29.06 2.31
CA GLY F 22 0.56 -29.61 2.65
C GLY F 22 0.84 -29.75 4.12
N ASN F 23 -0.19 -29.58 4.94
CA ASN F 23 -0.04 -29.70 6.39
C ASN F 23 -0.79 -30.92 6.86
N GLY F 24 -2.11 -30.84 6.84
CA GLY F 24 -2.92 -31.96 7.27
C GLY F 24 -3.07 -32.98 6.16
N ARG F 25 -2.16 -32.97 5.20
CA ARG F 25 -2.21 -33.93 4.10
C ARG F 25 -1.78 -35.29 4.56
N GLU F 26 -0.61 -35.38 5.18
CA GLU F 26 -0.15 -36.67 5.65
C GLU F 26 -1.23 -37.30 6.51
N GLU F 27 -2.10 -36.49 7.11
CA GLU F 27 -3.18 -37.04 7.93
C GLU F 27 -4.35 -37.41 7.03
N PHE F 28 -4.64 -36.57 6.03
CA PHE F 28 -5.72 -36.87 5.12
C PHE F 28 -5.50 -38.29 4.60
N GLY F 29 -4.37 -38.47 3.91
CA GLY F 29 -4.02 -39.75 3.36
C GLY F 29 -4.16 -40.85 4.40
N HIS F 30 -3.33 -40.83 5.42
CA HIS F 30 -3.40 -41.85 6.46
C HIS F 30 -4.83 -42.18 6.88
N PHE F 31 -5.73 -41.21 6.86
CA PHE F 31 -7.11 -41.46 7.27
C PHE F 31 -7.94 -42.24 6.28
N ILE F 32 -7.66 -42.03 5.00
CA ILE F 32 -8.37 -42.70 3.93
C ILE F 32 -7.94 -44.17 3.83
N TRP F 33 -6.64 -44.40 3.66
CA TRP F 33 -6.13 -45.76 3.58
C TRP F 33 -6.35 -46.56 4.84
N ALA F 34 -6.33 -45.93 6.00
CA ALA F 34 -6.56 -46.66 7.23
C ALA F 34 -8.05 -46.98 7.35
N ASN F 35 -8.76 -46.79 6.24
CA ASN F 35 -10.19 -47.07 6.18
C ASN F 35 -10.37 -48.11 5.08
N VAL F 36 -9.63 -47.92 4.00
CA VAL F 36 -9.63 -48.82 2.85
C VAL F 36 -9.23 -50.22 3.34
N PHE F 37 -8.04 -50.32 3.95
CA PHE F 37 -7.51 -51.57 4.49
C PHE F 37 -8.23 -52.10 5.73
N LYS F 38 -9.31 -51.44 6.15
CA LYS F 38 -10.04 -51.92 7.31
C LYS F 38 -11.31 -52.57 6.79
N VAL F 39 -11.77 -52.05 5.65
CA VAL F 39 -12.97 -52.51 4.98
C VAL F 39 -12.58 -53.50 3.89
N ALA F 40 -11.28 -53.59 3.62
CA ALA F 40 -10.77 -54.49 2.58
C ALA F 40 -9.29 -54.81 2.75
N PRO F 41 -8.88 -55.33 3.93
CA PRO F 41 -7.46 -55.66 4.14
C PRO F 41 -6.91 -56.51 3.00
N SER F 42 -7.81 -57.16 2.27
CA SER F 42 -7.44 -57.98 1.13
C SER F 42 -6.63 -57.14 0.15
N ALA F 43 -7.11 -55.93 -0.08
CA ALA F 43 -6.51 -54.99 -1.01
C ALA F 43 -5.03 -54.71 -0.84
N ARG F 44 -4.54 -54.72 0.39
CA ARG F 44 -3.13 -54.41 0.63
C ARG F 44 -2.13 -55.29 -0.12
N ASP F 45 -2.61 -56.38 -0.71
CA ASP F 45 -1.74 -57.29 -1.45
C ASP F 45 -1.33 -56.70 -2.80
N MET F 46 -1.96 -55.60 -3.17
CA MET F 46 -1.66 -54.93 -4.44
C MET F 46 -0.61 -53.85 -4.26
N PHE F 47 -0.47 -53.38 -3.04
CA PHE F 47 0.50 -52.33 -2.72
C PHE F 47 1.70 -52.98 -2.04
N LYS F 48 2.06 -54.15 -2.54
CA LYS F 48 3.19 -54.90 -1.99
C LYS F 48 4.49 -54.16 -2.23
N ARG F 49 4.60 -53.51 -3.39
CA ARG F 49 5.82 -52.78 -3.74
C ARG F 49 6.01 -51.46 -2.98
N VAL F 50 4.92 -50.96 -2.39
CA VAL F 50 4.88 -49.73 -1.61
C VAL F 50 4.47 -50.01 -0.15
N ARG F 51 4.97 -51.12 0.37
CA ARG F 51 4.76 -51.48 1.76
C ARG F 51 3.35 -51.33 2.29
N GLY F 52 2.39 -52.07 1.72
CA GLY F 52 0.99 -51.97 2.09
C GLY F 52 0.72 -52.65 3.43
N ASP F 53 1.77 -53.23 3.97
CA ASP F 53 1.64 -53.93 5.24
C ASP F 53 1.61 -52.94 6.39
N ASN F 54 2.34 -51.83 6.27
CA ASN F 54 2.44 -50.79 7.30
C ASN F 54 2.28 -49.42 6.65
N ILE F 55 1.06 -48.88 6.70
CA ILE F 55 0.74 -47.59 6.10
C ILE F 55 1.34 -46.40 6.88
N TYR F 56 2.31 -46.70 7.75
CA TYR F 56 2.97 -45.69 8.56
C TYR F 56 4.35 -45.31 8.02
N THR F 57 4.93 -46.22 7.24
CA THR F 57 6.26 -46.03 6.65
C THR F 57 6.32 -44.94 5.58
N PRO F 58 7.51 -44.37 5.34
CA PRO F 58 7.61 -43.32 4.33
C PRO F 58 7.18 -43.87 2.96
N ALA F 59 7.86 -44.92 2.54
CA ALA F 59 7.60 -45.57 1.25
C ALA F 59 6.12 -45.61 0.90
N PHE F 60 5.29 -45.97 1.85
CA PHE F 60 3.86 -46.04 1.58
C PHE F 60 3.17 -44.67 1.56
N ARG F 61 3.53 -43.80 2.49
CA ARG F 61 2.93 -42.48 2.56
C ARG F 61 3.24 -41.81 1.24
N ALA F 62 4.42 -42.10 0.71
CA ALA F 62 4.83 -41.55 -0.57
C ALA F 62 3.85 -42.08 -1.64
N HIS F 63 3.44 -43.35 -1.47
CA HIS F 63 2.49 -43.94 -2.41
C HIS F 63 1.16 -43.21 -2.35
N ALA F 64 0.58 -43.17 -1.15
CA ALA F 64 -0.71 -42.49 -0.94
C ALA F 64 -0.62 -41.05 -1.44
N THR F 65 0.56 -40.43 -1.28
CA THR F 65 0.74 -39.07 -1.77
C THR F 65 0.54 -39.13 -3.29
N ARG F 66 1.10 -40.16 -3.94
CA ARG F 66 1.00 -40.35 -5.39
C ARG F 66 -0.45 -40.59 -5.83
N VAL F 67 -1.18 -41.40 -5.06
CA VAL F 67 -2.58 -41.68 -5.36
C VAL F 67 -3.44 -40.43 -5.24
N LEU F 68 -3.60 -39.94 -4.00
CA LEU F 68 -4.41 -38.75 -3.72
C LEU F 68 -3.95 -37.58 -4.58
N GLY F 69 -2.68 -37.60 -4.94
CA GLY F 69 -2.15 -36.56 -5.81
C GLY F 69 -2.81 -36.67 -7.17
N GLY F 70 -3.12 -37.89 -7.57
CA GLY F 70 -3.79 -38.12 -8.84
C GLY F 70 -5.26 -37.76 -8.75
N LEU F 71 -5.89 -38.19 -7.66
CA LEU F 71 -7.30 -37.92 -7.46
C LEU F 71 -7.52 -36.43 -7.65
N ASP F 72 -6.53 -35.66 -7.22
CA ASP F 72 -6.61 -34.21 -7.35
C ASP F 72 -6.67 -33.87 -8.82
N MET F 73 -5.61 -34.23 -9.56
CA MET F 73 -5.52 -33.97 -11.00
C MET F 73 -6.88 -34.08 -11.66
N CYS F 74 -7.60 -35.14 -11.31
CA CYS F 74 -8.93 -35.41 -11.85
C CYS F 74 -9.99 -34.44 -11.38
N VAL F 75 -10.19 -34.35 -10.05
CA VAL F 75 -11.19 -33.42 -9.51
C VAL F 75 -10.91 -32.05 -10.10
N ALA F 76 -9.63 -31.71 -10.16
CA ALA F 76 -9.20 -30.44 -10.73
C ALA F 76 -9.69 -30.30 -12.16
N LEU F 77 -10.18 -31.37 -12.75
CA LEU F 77 -10.65 -31.27 -14.12
C LEU F 77 -12.11 -31.63 -14.33
N LEU F 78 -12.84 -31.96 -13.27
CA LEU F 78 -14.25 -32.28 -13.43
C LEU F 78 -14.94 -31.17 -14.22
N ASP F 79 -14.30 -30.02 -14.36
CA ASP F 79 -14.90 -28.92 -15.12
C ASP F 79 -14.18 -28.69 -16.46
N ASP F 80 -13.73 -29.80 -17.05
CA ASP F 80 -13.03 -29.78 -18.32
C ASP F 80 -12.97 -31.22 -18.86
N GLU F 81 -14.10 -31.72 -19.37
CA GLU F 81 -14.18 -33.08 -19.89
C GLU F 81 -13.08 -33.45 -20.87
N SER F 82 -12.70 -32.51 -21.74
CA SER F 82 -11.65 -32.80 -22.70
C SER F 82 -10.35 -33.23 -22.00
N VAL F 83 -9.67 -32.26 -21.39
CA VAL F 83 -8.41 -32.55 -20.69
C VAL F 83 -8.66 -33.51 -19.52
N LEU F 84 -9.92 -33.61 -19.09
CA LEU F 84 -10.25 -34.53 -18.00
C LEU F 84 -10.12 -35.98 -18.47
N ASN F 85 -10.90 -36.34 -19.50
CA ASN F 85 -10.86 -37.70 -20.04
C ASN F 85 -9.44 -38.07 -20.37
N THR F 86 -8.74 -37.15 -21.04
CA THR F 86 -7.35 -37.35 -21.43
C THR F 86 -6.45 -37.74 -20.26
N GLN F 87 -6.93 -37.55 -19.04
CA GLN F 87 -6.15 -37.90 -17.85
C GLN F 87 -6.73 -39.20 -17.29
N LEU F 88 -8.06 -39.25 -17.17
CA LEU F 88 -8.74 -40.45 -16.67
C LEU F 88 -8.31 -41.61 -17.54
N ALA F 89 -7.99 -41.28 -18.79
CA ALA F 89 -7.55 -42.25 -19.78
C ALA F 89 -6.12 -42.64 -19.47
N HIS F 90 -5.24 -41.64 -19.48
CA HIS F 90 -3.82 -41.83 -19.18
C HIS F 90 -3.68 -42.60 -17.88
N LEU F 91 -4.77 -42.66 -17.10
CA LEU F 91 -4.78 -43.37 -15.82
C LEU F 91 -5.29 -44.78 -16.00
N ALA F 92 -6.16 -44.98 -16.99
CA ALA F 92 -6.74 -46.30 -17.26
C ALA F 92 -5.67 -47.25 -17.74
N SER F 93 -4.80 -46.76 -18.60
CA SER F 93 -3.73 -47.58 -19.14
C SER F 93 -2.69 -47.90 -18.07
N GLN F 94 -2.86 -47.31 -16.89
CA GLN F 94 -1.93 -47.54 -15.79
C GLN F 94 -2.45 -48.48 -14.72
N HIS F 95 -3.76 -48.72 -14.68
CA HIS F 95 -4.35 -49.59 -13.66
C HIS F 95 -4.92 -50.91 -14.23
N SER F 96 -4.63 -51.15 -15.50
CA SER F 96 -5.08 -52.35 -16.22
C SER F 96 -4.27 -53.58 -15.83
N SER F 97 -2.96 -53.41 -15.95
CA SER F 97 -2.00 -54.45 -15.62
C SER F 97 -1.98 -54.72 -14.12
N ARG F 98 -2.62 -53.85 -13.35
CA ARG F 98 -2.67 -53.99 -11.90
C ARG F 98 -3.87 -54.82 -11.47
N GLY F 99 -4.70 -55.21 -12.43
CA GLY F 99 -5.87 -56.02 -12.14
C GLY F 99 -6.71 -55.56 -10.96
N VAL F 100 -7.28 -54.37 -11.09
CA VAL F 100 -8.10 -53.81 -10.03
C VAL F 100 -9.59 -54.05 -10.28
N SER F 101 -10.26 -54.65 -9.30
CA SER F 101 -11.69 -54.93 -9.42
C SER F 101 -12.49 -53.65 -9.21
N ALA F 102 -13.47 -53.41 -10.08
CA ALA F 102 -14.30 -52.22 -9.97
C ALA F 102 -14.90 -52.13 -8.57
N GLU F 103 -14.96 -53.26 -7.87
CA GLU F 103 -15.50 -53.29 -6.52
C GLU F 103 -14.56 -52.52 -5.61
N GLN F 104 -13.28 -52.55 -5.96
CA GLN F 104 -12.26 -51.86 -5.18
C GLN F 104 -12.25 -50.36 -5.48
N TYR F 105 -12.57 -50.00 -6.72
CA TYR F 105 -12.63 -48.60 -7.10
C TYR F 105 -13.82 -47.97 -6.38
N ASN F 106 -14.53 -48.78 -5.59
CA ASN F 106 -15.70 -48.30 -4.86
C ASN F 106 -15.51 -48.31 -3.36
N VAL F 107 -14.45 -48.98 -2.91
CA VAL F 107 -14.15 -49.06 -1.49
C VAL F 107 -13.23 -47.88 -1.19
N VAL F 108 -12.48 -47.47 -2.21
CA VAL F 108 -11.56 -46.35 -2.10
C VAL F 108 -12.41 -45.09 -2.24
N GLU F 109 -13.43 -45.15 -3.09
CA GLU F 109 -14.32 -44.02 -3.28
C GLU F 109 -14.90 -43.65 -1.91
N HIS F 110 -15.44 -44.65 -1.22
CA HIS F 110 -16.04 -44.43 0.08
C HIS F 110 -15.03 -43.93 1.10
N ALA F 111 -13.84 -44.54 1.12
CA ALA F 111 -12.81 -44.12 2.06
C ALA F 111 -12.51 -42.62 1.85
N VAL F 112 -12.29 -42.24 0.60
CA VAL F 112 -12.02 -40.85 0.27
C VAL F 112 -13.15 -39.99 0.87
N MET F 113 -14.39 -40.39 0.64
CA MET F 113 -15.54 -39.67 1.16
C MET F 113 -15.59 -39.66 2.68
N MET F 114 -15.15 -40.74 3.32
CA MET F 114 -15.16 -40.78 4.77
C MET F 114 -14.11 -39.80 5.33
N GLY F 115 -13.09 -39.55 4.51
CA GLY F 115 -12.02 -38.64 4.90
C GLY F 115 -12.32 -37.18 4.62
N VAL F 116 -12.92 -36.90 3.47
CA VAL F 116 -13.28 -35.53 3.12
C VAL F 116 -14.37 -35.06 4.07
N GLU F 117 -15.29 -35.96 4.45
CA GLU F 117 -16.31 -35.58 5.39
C GLU F 117 -15.57 -35.32 6.68
N HIS F 118 -14.65 -36.21 7.02
CA HIS F 118 -13.85 -36.09 8.24
C HIS F 118 -13.14 -34.74 8.38
N GLU F 119 -12.57 -34.28 7.27
CA GLU F 119 -11.84 -33.02 7.22
C GLU F 119 -12.77 -31.81 7.28
N ILE F 120 -13.73 -31.72 6.37
CA ILE F 120 -14.65 -30.58 6.30
C ILE F 120 -15.95 -30.62 7.09
N GLY F 121 -16.22 -31.72 7.79
CA GLY F 121 -17.44 -31.80 8.58
C GLY F 121 -18.70 -32.26 7.89
N GLN F 122 -19.39 -33.20 8.52
CA GLN F 122 -20.62 -33.74 7.96
C GLN F 122 -21.69 -32.68 7.73
N ASN F 123 -21.76 -31.71 8.63
CA ASN F 123 -22.75 -30.64 8.53
C ASN F 123 -22.82 -30.01 7.15
N VAL F 124 -21.73 -30.05 6.40
CA VAL F 124 -21.73 -29.45 5.08
C VAL F 124 -21.49 -30.43 3.94
N PHE F 125 -20.82 -31.54 4.22
CA PHE F 125 -20.53 -32.58 3.21
C PHE F 125 -21.75 -32.88 2.33
N ASP F 126 -21.54 -32.96 1.01
CA ASP F 126 -22.63 -33.24 0.06
C ASP F 126 -22.41 -34.60 -0.63
N LYS F 127 -23.04 -35.64 -0.08
CA LYS F 127 -22.87 -36.99 -0.62
C LYS F 127 -23.32 -37.21 -2.06
N ASP F 128 -24.61 -37.00 -2.34
CA ASP F 128 -25.11 -37.20 -3.69
C ASP F 128 -24.20 -36.57 -4.73
N ALA F 129 -23.50 -35.52 -4.34
CA ALA F 129 -22.58 -34.84 -5.25
C ALA F 129 -21.23 -35.53 -5.24
N TRP F 130 -20.79 -35.96 -4.07
CA TRP F 130 -19.51 -36.65 -3.98
C TRP F 130 -19.59 -38.09 -4.52
N GLN F 131 -20.72 -38.75 -4.29
CA GLN F 131 -20.91 -40.11 -4.78
C GLN F 131 -21.03 -40.07 -6.30
N ALA F 132 -21.74 -39.08 -6.80
CA ALA F 132 -21.94 -38.92 -8.24
C ALA F 132 -20.63 -38.67 -8.98
N CYS F 133 -20.01 -37.52 -8.75
CA CYS F 133 -18.78 -37.20 -9.43
C CYS F 133 -17.61 -38.17 -9.19
N LEU F 134 -17.47 -38.70 -7.98
CA LEU F 134 -16.38 -39.65 -7.74
C LEU F 134 -16.52 -40.83 -8.71
N ASP F 135 -17.74 -41.35 -8.86
CA ASP F 135 -18.02 -42.46 -9.77
C ASP F 135 -17.44 -42.13 -11.14
N VAL F 136 -17.81 -40.96 -11.67
CA VAL F 136 -17.32 -40.51 -12.99
C VAL F 136 -15.80 -40.61 -13.14
N ILE F 137 -15.06 -40.34 -12.08
CA ILE F 137 -13.61 -40.41 -12.13
C ILE F 137 -13.11 -41.85 -12.16
N THR F 138 -13.85 -42.75 -11.51
CA THR F 138 -13.46 -44.16 -11.49
C THR F 138 -13.90 -44.91 -12.76
N SER F 139 -15.06 -44.53 -13.29
CA SER F 139 -15.59 -45.14 -14.50
C SER F 139 -14.84 -44.54 -15.69
N GLY F 140 -13.61 -44.14 -15.44
CA GLY F 140 -12.79 -43.54 -16.48
C GLY F 140 -11.44 -44.21 -16.40
N ILE F 141 -11.10 -44.61 -15.18
CA ILE F 141 -9.85 -45.29 -14.89
C ILE F 141 -10.08 -46.75 -15.26
N GLN F 142 -11.33 -47.16 -15.11
CA GLN F 142 -11.74 -48.52 -15.45
C GLN F 142 -11.87 -48.58 -16.97
N GLY F 143 -11.47 -47.50 -17.63
CA GLY F 143 -11.55 -47.44 -19.08
C GLY F 143 -12.98 -47.21 -19.53
N ASN F 144 -13.88 -47.09 -18.56
CA ASN F 144 -15.31 -46.89 -18.78
C ASN F 144 -15.99 -48.26 -18.78
N SER G 1 25.93 -18.31 0.91
CA SER G 1 25.44 -18.97 2.12
C SER G 1 25.42 -20.47 1.95
N SER G 2 24.71 -21.14 2.84
CA SER G 2 24.59 -22.59 2.80
C SER G 2 23.84 -23.13 1.58
N ASN G 3 22.81 -22.37 1.15
CA ASN G 3 21.97 -22.73 0.02
C ASN G 3 20.95 -23.83 0.36
N SER G 4 20.93 -24.25 1.63
CA SER G 4 20.01 -25.29 2.10
C SER G 4 18.59 -24.77 2.14
N CYS G 5 17.62 -25.66 1.93
CA CYS G 5 16.21 -25.30 1.97
C CYS G 5 15.79 -25.41 3.43
N THR G 6 15.85 -24.28 4.16
CA THR G 6 15.50 -24.24 5.56
C THR G 6 14.01 -24.28 5.85
N THR G 7 13.68 -24.68 7.08
CA THR G 7 12.28 -24.77 7.51
C THR G 7 11.52 -23.49 7.20
N GLU G 8 12.16 -22.34 7.34
CA GLU G 8 11.48 -21.09 7.05
C GLU G 8 11.20 -21.06 5.54
N ASP G 9 12.22 -21.32 4.73
CA ASP G 9 12.04 -21.34 3.28
C ASP G 9 10.87 -22.22 2.92
N ARG G 10 10.77 -23.37 3.58
CA ARG G 10 9.67 -24.29 3.36
C ARG G 10 8.29 -23.66 3.66
N ARG G 11 8.11 -23.12 4.86
CA ARG G 11 6.82 -22.50 5.23
C ARG G 11 6.43 -21.38 4.23
N GLU G 12 7.42 -20.62 3.80
CA GLU G 12 7.18 -19.54 2.87
C GLU G 12 6.79 -20.07 1.50
N MET G 13 7.61 -20.92 0.89
CA MET G 13 7.27 -21.46 -0.41
C MET G 13 5.89 -22.13 -0.35
N GLN G 14 5.67 -22.95 0.68
CA GLN G 14 4.42 -23.66 0.83
C GLN G 14 3.22 -22.72 0.78
N LEU G 15 3.35 -21.59 1.47
CA LEU G 15 2.30 -20.59 1.54
C LEU G 15 2.07 -19.91 0.20
N MET G 16 3.10 -19.28 -0.33
CA MET G 16 2.98 -18.59 -1.60
C MET G 16 2.37 -19.52 -2.63
N TRP G 17 2.81 -20.77 -2.62
CA TRP G 17 2.32 -21.77 -3.57
C TRP G 17 0.85 -22.08 -3.33
N ALA G 18 0.53 -22.48 -2.11
CA ALA G 18 -0.85 -22.83 -1.75
C ALA G 18 -1.92 -21.88 -2.33
N ASN G 19 -1.67 -20.58 -2.25
CA ASN G 19 -2.65 -19.63 -2.73
C ASN G 19 -2.86 -19.74 -4.24
N VAL G 20 -1.77 -19.74 -4.99
CA VAL G 20 -1.88 -19.85 -6.44
C VAL G 20 -2.25 -21.20 -7.01
N TRP G 21 -1.93 -22.29 -6.32
CA TRP G 21 -2.23 -23.62 -6.88
C TRP G 21 -3.18 -24.52 -6.08
N SER G 22 -4.43 -24.58 -6.50
CA SER G 22 -5.39 -25.42 -5.80
C SER G 22 -6.56 -25.85 -6.67
N ALA G 23 -7.12 -27.01 -6.36
CA ALA G 23 -8.25 -27.56 -7.10
C ALA G 23 -9.42 -26.57 -7.14
N GLN G 24 -9.36 -25.56 -6.27
CA GLN G 24 -10.41 -24.54 -6.23
C GLN G 24 -10.45 -23.83 -7.58
N PHE G 25 -9.27 -23.53 -8.09
CA PHE G 25 -9.18 -22.82 -9.35
C PHE G 25 -8.68 -23.61 -10.52
N THR G 26 -9.63 -24.19 -11.25
CA THR G 26 -9.28 -24.91 -12.44
C THR G 26 -9.09 -23.73 -13.35
N GLY G 27 -7.98 -23.72 -14.06
CA GLY G 27 -7.74 -22.61 -14.96
C GLY G 27 -6.62 -21.80 -14.41
N ARG G 28 -6.49 -21.82 -13.09
CA ARG G 28 -5.40 -21.10 -12.48
C ARG G 28 -4.21 -22.01 -12.73
N ARG G 29 -4.47 -23.31 -12.62
CA ARG G 29 -3.45 -24.32 -12.82
C ARG G 29 -2.99 -24.36 -14.28
N LEU G 30 -3.92 -24.65 -15.19
CA LEU G 30 -3.59 -24.69 -16.61
C LEU G 30 -2.67 -23.52 -16.99
N ALA G 31 -3.16 -22.30 -16.73
CA ALA G 31 -2.42 -21.08 -17.03
C ALA G 31 -0.95 -21.08 -16.58
N ILE G 32 -0.70 -21.60 -15.38
CA ILE G 32 0.66 -21.67 -14.86
C ILE G 32 1.43 -22.79 -15.56
N ALA G 33 0.85 -23.99 -15.58
CA ALA G 33 1.45 -25.16 -16.20
C ALA G 33 1.97 -24.85 -17.60
N GLN G 34 1.05 -24.50 -18.50
CA GLN G 34 1.47 -24.16 -19.84
C GLN G 34 2.59 -23.11 -19.76
N ALA G 35 2.32 -21.98 -19.14
CA ALA G 35 3.32 -20.91 -19.02
C ALA G 35 4.73 -21.42 -18.80
N VAL G 36 4.90 -22.35 -17.86
CA VAL G 36 6.22 -22.90 -17.55
C VAL G 36 6.86 -23.61 -18.76
N PHE G 37 6.21 -24.64 -19.29
CA PHE G 37 6.71 -25.37 -20.46
C PHE G 37 6.91 -24.44 -21.64
N LYS G 38 5.94 -23.57 -21.88
CA LYS G 38 6.02 -22.62 -22.98
C LYS G 38 7.27 -21.77 -22.83
N ASP G 39 7.76 -21.60 -21.59
CA ASP G 39 8.97 -20.82 -21.28
C ASP G 39 10.20 -21.68 -21.47
N LEU G 40 10.07 -22.97 -21.17
CA LEU G 40 11.17 -23.91 -21.33
C LEU G 40 11.51 -24.02 -22.81
N PHE G 41 10.54 -24.53 -23.59
CA PHE G 41 10.68 -24.71 -25.02
C PHE G 41 11.36 -23.53 -25.74
N ALA G 42 10.86 -22.32 -25.54
CA ALA G 42 11.45 -21.16 -26.20
C ALA G 42 12.84 -20.82 -25.65
N HIS G 43 13.38 -21.67 -24.78
CA HIS G 43 14.71 -21.44 -24.20
C HIS G 43 15.57 -22.68 -24.46
N VAL G 44 14.89 -23.80 -24.69
CA VAL G 44 15.53 -25.09 -24.94
C VAL G 44 14.72 -25.79 -26.03
N PRO G 45 14.85 -25.30 -27.28
CA PRO G 45 14.15 -25.82 -28.47
C PRO G 45 14.13 -27.33 -28.63
N ASP G 46 15.31 -27.94 -28.70
CA ASP G 46 15.39 -29.39 -28.85
C ASP G 46 15.00 -30.07 -27.55
N ALA G 47 13.87 -29.67 -27.00
CA ALA G 47 13.38 -30.24 -25.75
C ALA G 47 11.92 -30.65 -25.97
N VAL G 48 11.33 -30.12 -27.04
CA VAL G 48 9.95 -30.43 -27.38
C VAL G 48 9.84 -31.90 -27.70
N GLY G 49 10.87 -32.42 -28.33
CA GLY G 49 10.88 -33.82 -28.71
C GLY G 49 10.79 -34.79 -27.55
N LEU G 50 11.27 -34.38 -26.38
CA LEU G 50 11.24 -35.24 -25.21
C LEU G 50 9.80 -35.50 -24.81
N PHE G 51 8.90 -34.59 -25.21
CA PHE G 51 7.49 -34.70 -24.91
C PHE G 51 6.68 -34.89 -26.20
N ASP G 52 6.95 -35.97 -26.92
CA ASP G 52 6.22 -36.24 -28.16
C ASP G 52 5.00 -37.10 -27.88
N ARG G 53 5.13 -38.04 -26.95
CA ARG G 53 4.03 -38.92 -26.59
C ARG G 53 2.91 -38.12 -25.96
N VAL G 54 3.15 -36.82 -25.79
CA VAL G 54 2.17 -35.92 -25.19
C VAL G 54 1.99 -34.61 -25.98
N HIS G 55 2.21 -34.70 -27.29
CA HIS G 55 2.07 -33.57 -28.22
C HIS G 55 2.81 -32.29 -27.90
N GLY G 56 4.06 -32.42 -27.46
CA GLY G 56 4.87 -31.27 -27.11
C GLY G 56 4.84 -30.13 -28.11
N THR G 57 4.44 -30.41 -29.34
CA THR G 57 4.40 -29.39 -30.38
C THR G 57 3.09 -28.61 -30.34
N GLU G 58 2.05 -29.24 -29.80
CA GLU G 58 0.74 -28.62 -29.70
C GLU G 58 0.47 -28.25 -28.25
N ILE G 59 0.94 -27.07 -27.85
CA ILE G 59 0.79 -26.57 -26.48
C ILE G 59 -0.66 -26.64 -25.96
N ASP G 60 -1.61 -26.48 -26.87
CA ASP G 60 -3.04 -26.52 -26.51
C ASP G 60 -3.69 -27.90 -26.68
N SER G 61 -2.94 -28.86 -27.20
CA SER G 61 -3.52 -30.18 -27.36
C SER G 61 -4.00 -30.69 -26.01
N SER G 62 -5.23 -31.18 -25.98
CA SER G 62 -5.83 -31.71 -24.76
C SER G 62 -4.94 -32.76 -24.11
N GLU G 63 -3.92 -33.20 -24.84
CA GLU G 63 -3.00 -34.19 -24.31
C GLU G 63 -1.85 -33.55 -23.53
N PHE G 64 -1.20 -32.56 -24.13
CA PHE G 64 -0.07 -31.85 -23.48
C PHE G 64 -0.56 -31.12 -22.24
N LYS G 65 -1.78 -30.59 -22.31
CA LYS G 65 -2.37 -29.91 -21.17
C LYS G 65 -2.40 -30.90 -20.03
N ALA G 66 -3.14 -31.99 -20.22
CA ALA G 66 -3.21 -33.01 -19.19
C ALA G 66 -1.80 -33.33 -18.74
N HIS G 67 -0.82 -33.07 -19.61
CA HIS G 67 0.56 -33.33 -19.24
C HIS G 67 1.03 -32.24 -18.30
N CYS G 68 1.13 -31.02 -18.84
CA CYS G 68 1.57 -29.84 -18.09
C CYS G 68 1.05 -29.86 -16.67
N ILE G 69 -0.25 -30.07 -16.53
CA ILE G 69 -0.86 -30.11 -15.22
C ILE G 69 -0.25 -31.25 -14.38
N ARG G 70 -0.02 -32.42 -14.98
CA ARG G 70 0.59 -33.55 -14.26
C ARG G 70 1.99 -33.22 -13.69
N VAL G 71 2.85 -32.64 -14.51
CA VAL G 71 4.21 -32.30 -14.10
C VAL G 71 4.17 -31.33 -12.93
N VAL G 72 3.49 -30.20 -13.11
CA VAL G 72 3.39 -29.19 -12.05
C VAL G 72 2.68 -29.77 -10.84
N ASN G 73 1.61 -30.53 -11.05
CA ASN G 73 0.92 -31.15 -9.92
C ASN G 73 1.93 -32.10 -9.24
N GLY G 74 2.99 -32.45 -9.95
CA GLY G 74 4.01 -33.31 -9.38
C GLY G 74 4.81 -32.52 -8.38
N LEU G 75 5.14 -31.29 -8.77
CA LEU G 75 5.89 -30.36 -7.95
C LEU G 75 5.05 -30.06 -6.73
N ASP G 76 3.75 -29.91 -6.93
CA ASP G 76 2.84 -29.63 -5.83
C ASP G 76 2.98 -30.69 -4.77
N SER G 77 2.82 -31.94 -5.17
CA SER G 77 2.92 -33.04 -4.24
C SER G 77 4.22 -32.94 -3.46
N ALA G 78 5.30 -32.59 -4.16
CA ALA G 78 6.60 -32.48 -3.51
C ALA G 78 6.63 -31.32 -2.50
N ILE G 79 6.27 -30.12 -2.96
CA ILE G 79 6.28 -28.97 -2.09
C ILE G 79 5.52 -29.25 -0.80
N GLY G 80 4.39 -29.94 -0.94
CA GLY G 80 3.58 -30.27 0.20
C GLY G 80 4.27 -31.31 1.07
N LEU G 81 5.24 -32.01 0.48
CA LEU G 81 6.00 -33.02 1.22
C LEU G 81 7.22 -32.44 1.93
N LEU G 82 7.52 -31.17 1.68
CA LEU G 82 8.64 -30.51 2.35
C LEU G 82 8.33 -30.52 3.84
N SER G 83 7.06 -30.75 4.17
CA SER G 83 6.60 -30.80 5.55
C SER G 83 6.90 -32.16 6.20
N ASP G 84 7.14 -33.18 5.40
CA ASP G 84 7.47 -34.51 5.91
C ASP G 84 8.59 -35.11 5.08
N PRO G 85 9.81 -34.57 5.22
CA PRO G 85 10.98 -35.04 4.48
C PRO G 85 11.20 -36.56 4.35
N SER G 86 11.01 -37.34 5.42
CA SER G 86 11.20 -38.78 5.29
C SER G 86 10.41 -39.26 4.08
N THR G 87 9.14 -38.88 4.02
CA THR G 87 8.28 -39.26 2.90
C THR G 87 8.73 -38.62 1.60
N LEU G 88 9.06 -37.34 1.63
CA LEU G 88 9.49 -36.66 0.40
C LEU G 88 10.69 -37.33 -0.27
N ASN G 89 11.54 -37.98 0.53
CA ASN G 89 12.70 -38.65 -0.06
C ASN G 89 12.23 -39.87 -0.83
N GLU G 90 11.41 -40.70 -0.20
CA GLU G 90 10.89 -41.90 -0.84
C GLU G 90 10.15 -41.50 -2.10
N GLN G 91 9.53 -40.33 -2.06
CA GLN G 91 8.77 -39.84 -3.19
C GLN G 91 9.63 -39.17 -4.25
N LEU G 92 10.76 -38.59 -3.84
CA LEU G 92 11.61 -37.92 -4.81
C LEU G 92 12.53 -38.88 -5.57
N SER G 93 12.72 -40.07 -5.01
CA SER G 93 13.57 -41.05 -5.68
C SER G 93 12.69 -41.90 -6.60
N HIS G 94 11.45 -42.16 -6.19
CA HIS G 94 10.54 -42.92 -7.03
C HIS G 94 10.39 -42.09 -8.30
N LEU G 95 10.50 -40.76 -8.15
CA LEU G 95 10.38 -39.86 -9.29
C LEU G 95 11.69 -39.82 -10.04
N ALA G 96 12.78 -40.14 -9.35
CA ALA G 96 14.10 -40.15 -9.95
C ALA G 96 14.21 -41.30 -10.94
N THR G 97 14.01 -42.52 -10.46
CA THR G 97 14.08 -43.68 -11.34
C THR G 97 13.12 -43.46 -12.51
N GLN G 98 11.90 -43.02 -12.17
CA GLN G 98 10.86 -42.77 -13.16
C GLN G 98 11.25 -41.74 -14.25
N HIS G 99 12.23 -40.89 -13.96
CA HIS G 99 12.66 -39.90 -14.96
C HIS G 99 13.93 -40.34 -15.68
N GLN G 100 14.44 -41.52 -15.32
CA GLN G 100 15.63 -42.06 -15.93
C GLN G 100 15.24 -42.95 -17.11
N GLU G 101 14.10 -43.61 -17.00
CA GLU G 101 13.59 -44.47 -18.05
C GLU G 101 13.11 -43.63 -19.24
N ARG G 102 13.37 -42.33 -19.19
CA ARG G 102 12.99 -41.43 -20.27
C ARG G 102 14.31 -40.98 -20.90
N ALA G 103 14.29 -40.57 -22.16
CA ALA G 103 15.54 -40.21 -22.82
C ALA G 103 15.84 -38.73 -23.06
N GLY G 104 17.11 -38.36 -22.89
CA GLY G 104 17.53 -36.97 -23.11
C GLY G 104 17.15 -36.09 -21.94
N VAL G 105 16.66 -36.75 -20.89
CA VAL G 105 16.27 -36.09 -19.65
C VAL G 105 17.56 -35.90 -18.88
N THR G 106 17.95 -34.65 -18.69
CA THR G 106 19.20 -34.38 -17.99
C THR G 106 19.13 -33.41 -16.83
N LYS G 107 20.15 -33.46 -15.98
CA LYS G 107 20.23 -32.58 -14.84
C LYS G 107 20.14 -31.16 -15.40
N GLY G 108 20.61 -31.02 -16.64
CA GLY G 108 20.59 -29.73 -17.31
C GLY G 108 19.21 -29.42 -17.85
N GLY G 109 18.39 -30.46 -17.94
CA GLY G 109 17.03 -30.27 -18.41
C GLY G 109 16.29 -29.49 -17.35
N PHE G 110 16.41 -29.99 -16.12
CA PHE G 110 15.77 -29.37 -14.97
C PHE G 110 16.25 -27.92 -14.80
N SER G 111 17.57 -27.73 -14.76
CA SER G 111 18.15 -26.41 -14.60
C SER G 111 17.51 -25.37 -15.52
N ALA G 112 16.93 -25.83 -16.62
CA ALA G 112 16.29 -24.95 -17.58
C ALA G 112 14.88 -24.65 -17.10
N ILE G 113 14.09 -25.71 -16.88
CA ILE G 113 12.72 -25.58 -16.42
C ILE G 113 12.75 -24.90 -15.05
N ALA G 114 13.95 -24.73 -14.51
CA ALA G 114 14.13 -24.07 -13.22
C ALA G 114 14.12 -22.56 -13.44
N GLN G 115 14.77 -22.14 -14.52
CA GLN G 115 14.79 -20.74 -14.87
C GLN G 115 13.36 -20.48 -15.34
N SER G 116 12.78 -21.51 -15.95
CA SER G 116 11.41 -21.46 -16.45
C SER G 116 10.47 -20.96 -15.34
N PHE G 117 10.59 -21.58 -14.17
CA PHE G 117 9.76 -21.21 -13.02
C PHE G 117 10.15 -19.83 -12.46
N LEU G 118 11.45 -19.60 -12.24
CA LEU G 118 11.90 -18.33 -11.70
C LEU G 118 11.44 -17.05 -12.46
N ARG G 119 11.02 -17.22 -13.72
CA ARG G 119 10.54 -16.10 -14.53
C ARG G 119 9.02 -16.12 -14.67
N VAL G 120 8.42 -17.26 -14.38
CA VAL G 120 6.97 -17.41 -14.48
C VAL G 120 6.24 -17.14 -13.16
N MET G 121 6.73 -17.70 -12.06
CA MET G 121 6.06 -17.51 -10.78
C MET G 121 5.74 -16.06 -10.46
N PRO G 122 6.78 -15.21 -10.38
CA PRO G 122 6.59 -13.79 -10.06
C PRO G 122 5.53 -13.03 -10.86
N GLN G 123 4.91 -13.70 -11.82
CA GLN G 123 3.90 -13.03 -12.63
C GLN G 123 2.51 -13.36 -12.15
N VAL G 124 2.35 -14.53 -11.55
CA VAL G 124 1.05 -14.94 -11.09
C VAL G 124 0.97 -14.96 -9.57
N ALA G 125 2.04 -15.38 -8.91
CA ALA G 125 2.06 -15.44 -7.46
C ALA G 125 2.59 -14.14 -6.90
N SER G 126 1.86 -13.58 -5.95
CA SER G 126 2.29 -12.33 -5.34
C SER G 126 3.16 -12.67 -4.13
N CYS G 127 4.15 -11.83 -3.85
CA CYS G 127 5.03 -12.06 -2.72
C CYS G 127 5.95 -13.24 -2.97
N PHE G 128 6.49 -13.31 -4.19
CA PHE G 128 7.38 -14.40 -4.58
C PHE G 128 8.75 -14.13 -4.04
N ASN G 129 9.43 -15.18 -3.59
CA ASN G 129 10.77 -15.01 -3.07
C ASN G 129 11.71 -15.87 -3.89
N PRO G 130 12.27 -15.33 -4.98
CA PRO G 130 13.19 -16.12 -5.80
C PRO G 130 14.27 -16.88 -5.02
N ASP G 131 14.95 -16.21 -4.10
CA ASP G 131 15.98 -16.89 -3.34
C ASP G 131 15.48 -18.09 -2.55
N ALA G 132 14.46 -17.89 -1.71
CA ALA G 132 13.92 -18.98 -0.92
C ALA G 132 13.34 -20.04 -1.83
N TRP G 133 12.53 -19.63 -2.80
CA TRP G 133 11.92 -20.59 -3.70
C TRP G 133 12.97 -21.46 -4.33
N SER G 134 13.97 -20.80 -4.91
CA SER G 134 15.04 -21.50 -5.57
C SER G 134 15.75 -22.52 -4.68
N ARG G 135 16.10 -22.14 -3.46
CA ARG G 135 16.77 -23.07 -2.57
C ARG G 135 15.95 -24.32 -2.34
N CYS G 136 14.64 -24.23 -2.46
CA CYS G 136 13.81 -25.41 -2.25
C CYS G 136 13.35 -26.08 -3.54
N PHE G 137 13.38 -25.35 -4.65
CA PHE G 137 13.02 -25.96 -5.92
C PHE G 137 14.17 -26.91 -6.21
N ASN G 138 15.38 -26.42 -5.96
CA ASN G 138 16.61 -27.18 -6.15
C ASN G 138 16.65 -28.38 -5.21
N ARG G 139 16.27 -28.18 -3.96
CA ARG G 139 16.26 -29.25 -2.98
C ARG G 139 15.43 -30.40 -3.55
N ILE G 140 14.37 -30.08 -4.26
CA ILE G 140 13.50 -31.10 -4.83
C ILE G 140 14.11 -31.78 -6.07
N THR G 141 14.66 -31.00 -7.00
CA THR G 141 15.24 -31.58 -8.21
C THR G 141 16.52 -32.39 -7.97
N ASN G 142 17.26 -32.05 -6.91
CA ASN G 142 18.47 -32.80 -6.61
C ASN G 142 18.11 -34.20 -6.17
N GLY G 143 16.84 -34.42 -5.87
CA GLY G 143 16.41 -35.73 -5.45
C GLY G 143 15.79 -36.44 -6.64
N MET G 144 15.52 -35.68 -7.69
CA MET G 144 14.94 -36.25 -8.89
C MET G 144 16.06 -36.66 -9.84
N THR G 145 17.02 -35.76 -10.04
CA THR G 145 18.13 -36.02 -10.93
C THR G 145 19.22 -36.92 -10.31
N GLU G 146 18.89 -37.57 -9.20
CA GLU G 146 19.83 -38.45 -8.51
C GLU G 146 20.67 -39.22 -9.51
N GLY G 147 20.01 -40.13 -10.23
CA GLY G 147 20.71 -40.91 -11.23
C GLY G 147 20.43 -40.34 -12.62
N LEU G 148 21.24 -39.39 -13.05
CA LEU G 148 21.08 -38.78 -14.37
C LEU G 148 22.35 -38.15 -14.93
N ALA G 149 22.41 -38.06 -16.26
CA ALA G 149 23.56 -37.48 -16.94
C ALA G 149 23.37 -35.99 -17.01
N GLU G 150 24.47 -35.25 -16.89
CA GLU G 150 24.42 -33.78 -16.93
C GLU G 150 23.50 -33.25 -18.01
N SER H 1 -36.45 0.37 2.63
CA SER H 1 -36.04 0.83 3.95
C SER H 1 -35.34 -0.28 4.77
N GLU H 2 -36.12 -1.13 5.44
CA GLU H 2 -35.52 -2.20 6.25
C GLU H 2 -35.52 -3.61 5.65
N PHE H 3 -34.33 -4.15 5.43
CA PHE H 3 -34.13 -5.46 4.78
C PHE H 3 -34.06 -6.75 5.59
N CYS H 4 -33.00 -6.91 6.38
CA CYS H 4 -32.86 -8.09 7.21
C CYS H 4 -31.97 -7.79 8.40
N SER H 5 -32.20 -8.49 9.50
CA SER H 5 -31.41 -8.30 10.69
C SER H 5 -29.93 -8.43 10.35
N GLU H 6 -29.07 -7.87 11.18
CA GLU H 6 -27.64 -7.90 10.92
C GLU H 6 -27.01 -9.29 10.85
N ALA H 7 -27.33 -10.14 11.83
CA ALA H 7 -26.76 -11.47 11.88
C ALA H 7 -27.19 -12.27 10.65
N ASP H 8 -28.32 -11.88 10.08
CA ASP H 8 -28.83 -12.52 8.89
C ASP H 8 -27.91 -12.12 7.74
N ALA H 9 -27.94 -10.84 7.37
CA ALA H 9 -27.11 -10.32 6.29
C ALA H 9 -25.74 -10.97 6.37
N THR H 10 -25.30 -11.20 7.59
CA THR H 10 -24.01 -11.81 7.83
C THR H 10 -23.91 -13.22 7.24
N ILE H 11 -24.85 -14.09 7.61
CA ILE H 11 -24.85 -15.45 7.11
C ILE H 11 -24.91 -15.47 5.59
N VAL H 12 -25.73 -14.58 5.05
CA VAL H 12 -25.90 -14.50 3.62
C VAL H 12 -24.63 -14.00 2.94
N ILE H 13 -24.07 -12.89 3.43
CA ILE H 13 -22.87 -12.34 2.82
C ILE H 13 -21.64 -13.24 2.86
N LYS H 14 -21.62 -14.16 3.83
CA LYS H 14 -20.49 -15.07 3.98
C LYS H 14 -20.63 -16.17 2.96
N GLN H 15 -21.78 -16.85 2.98
CA GLN H 15 -22.02 -17.92 2.03
C GLN H 15 -21.86 -17.39 0.62
N TRP H 16 -22.41 -16.22 0.35
CA TRP H 16 -22.28 -15.66 -0.98
C TRP H 16 -20.83 -15.45 -1.37
N ASN H 17 -20.04 -14.90 -0.46
CA ASN H 17 -18.64 -14.67 -0.78
C ASN H 17 -17.91 -15.99 -1.06
N GLN H 18 -18.42 -17.09 -0.51
CA GLN H 18 -17.80 -18.40 -0.72
C GLN H 18 -17.84 -18.85 -2.17
N ILE H 19 -18.90 -18.47 -2.86
CA ILE H 19 -19.06 -18.88 -4.25
C ILE H 19 -19.09 -17.74 -5.26
N TYR H 20 -18.86 -16.52 -4.81
CA TYR H 20 -18.88 -15.43 -5.76
C TYR H 20 -17.92 -14.34 -5.37
N ASN H 21 -16.87 -14.20 -6.16
CA ASN H 21 -15.86 -13.15 -5.95
C ASN H 21 -14.93 -13.14 -7.14
N ALA H 22 -14.24 -12.02 -7.32
CA ALA H 22 -13.34 -11.84 -8.44
C ALA H 22 -12.18 -12.82 -8.52
N GLY H 23 -12.04 -13.67 -7.53
CA GLY H 23 -10.94 -14.61 -7.57
C GLY H 23 -11.33 -15.89 -8.25
N ILE H 24 -12.60 -16.01 -8.64
CA ILE H 24 -13.11 -17.22 -9.28
C ILE H 24 -12.94 -17.26 -10.80
N GLY H 25 -12.42 -18.39 -11.28
CA GLY H 25 -12.17 -18.60 -12.69
C GLY H 25 -13.39 -18.41 -13.56
N ALA H 26 -13.25 -17.61 -14.61
CA ALA H 26 -14.32 -17.32 -15.55
C ALA H 26 -15.15 -18.55 -15.92
N LYS H 27 -14.54 -19.71 -15.74
CA LYS H 27 -15.17 -21.00 -16.04
C LYS H 27 -16.36 -21.29 -15.13
N SER H 28 -16.28 -20.86 -13.89
CA SER H 28 -17.37 -21.09 -12.96
C SER H 28 -18.45 -20.04 -13.15
N ARG H 29 -18.04 -18.78 -13.33
CA ARG H 29 -19.00 -17.70 -13.52
C ARG H 29 -19.99 -18.15 -14.58
N TRP H 30 -19.45 -18.52 -15.73
CA TRP H 30 -20.23 -18.99 -16.86
C TRP H 30 -21.21 -20.08 -16.42
N THR H 31 -20.69 -21.11 -15.76
CA THR H 31 -21.53 -22.20 -15.33
C THR H 31 -22.69 -21.71 -14.45
N MET H 32 -22.46 -20.67 -13.66
CA MET H 32 -23.51 -20.14 -12.81
C MET H 32 -24.52 -19.33 -13.63
N GLY H 33 -24.02 -18.48 -14.51
CA GLY H 33 -24.89 -17.69 -15.35
C GLY H 33 -25.87 -18.60 -16.04
N ASN H 34 -25.35 -19.55 -16.82
CA ASN H 34 -26.20 -20.50 -17.53
C ASN H 34 -27.18 -21.16 -16.56
N GLU H 35 -26.65 -21.92 -15.62
CA GLU H 35 -27.47 -22.60 -14.63
C GLU H 35 -28.67 -21.78 -14.16
N ILE H 36 -28.39 -20.53 -13.74
CA ILE H 36 -29.41 -19.63 -13.24
C ILE H 36 -30.46 -19.23 -14.28
N PHE H 37 -30.05 -19.07 -15.53
CA PHE H 37 -31.00 -18.69 -16.57
C PHE H 37 -31.64 -19.89 -17.25
N SER H 38 -30.90 -20.98 -17.37
CA SER H 38 -31.45 -22.19 -17.98
C SER H 38 -32.49 -22.74 -17.02
N SER H 39 -32.53 -22.19 -15.81
CA SER H 39 -33.47 -22.61 -14.79
C SER H 39 -34.60 -21.59 -14.72
N LEU H 40 -34.28 -20.34 -15.04
CA LEU H 40 -35.26 -19.27 -15.04
C LEU H 40 -36.20 -19.50 -16.21
N PHE H 41 -35.59 -19.82 -17.35
CA PHE H 41 -36.32 -20.07 -18.57
C PHE H 41 -37.27 -21.27 -18.42
N LYS H 42 -36.74 -22.43 -18.01
CA LYS H 42 -37.60 -23.61 -17.83
C LYS H 42 -38.77 -23.32 -16.90
N LEU H 43 -38.72 -22.20 -16.18
CA LEU H 43 -39.78 -21.80 -15.27
C LEU H 43 -40.68 -20.75 -15.93
N LYS H 44 -40.07 -19.89 -16.74
CA LYS H 44 -40.80 -18.85 -17.44
C LYS H 44 -40.08 -18.63 -18.76
N PRO H 45 -40.35 -19.49 -19.76
CA PRO H 45 -39.72 -19.39 -21.08
C PRO H 45 -40.20 -18.14 -21.80
N GLU H 46 -41.38 -17.68 -21.43
CA GLU H 46 -41.96 -16.48 -22.03
C GLU H 46 -41.05 -15.29 -21.77
N SER H 47 -40.11 -15.45 -20.85
CA SER H 47 -39.19 -14.37 -20.50
C SER H 47 -37.90 -14.42 -21.31
N GLU H 48 -37.60 -15.57 -21.91
CA GLU H 48 -36.39 -15.72 -22.69
C GLU H 48 -36.24 -14.68 -23.78
N VAL H 49 -37.36 -14.25 -24.35
CA VAL H 49 -37.36 -13.26 -25.42
C VAL H 49 -36.85 -11.87 -25.02
N LEU H 50 -36.87 -11.57 -23.72
CA LEU H 50 -36.43 -10.27 -23.23
C LEU H 50 -34.94 -10.02 -23.41
N PHE H 51 -34.19 -11.10 -23.57
CA PHE H 51 -32.74 -11.00 -23.72
C PHE H 51 -32.22 -11.09 -25.14
N ASN H 52 -32.78 -10.26 -26.04
CA ASN H 52 -32.34 -10.25 -27.42
C ASN H 52 -30.98 -9.59 -27.56
N ASN H 53 -30.90 -8.32 -27.18
CA ASN H 53 -29.65 -7.57 -27.27
C ASN H 53 -28.47 -8.39 -26.77
N VAL H 54 -28.64 -9.06 -25.65
CA VAL H 54 -27.56 -9.85 -25.07
C VAL H 54 -27.36 -11.19 -25.76
N ASN H 55 -27.92 -11.33 -26.96
CA ASN H 55 -27.78 -12.57 -27.74
C ASN H 55 -28.24 -13.79 -26.96
N VAL H 56 -29.51 -13.81 -26.55
CA VAL H 56 -30.01 -14.94 -25.79
C VAL H 56 -30.11 -16.14 -26.71
N ALA H 57 -30.08 -15.88 -28.01
CA ALA H 57 -30.15 -16.92 -29.02
C ALA H 57 -29.10 -17.94 -28.64
N ASN H 58 -27.92 -17.45 -28.30
CA ASN H 58 -26.85 -18.31 -27.88
C ASN H 58 -26.41 -17.95 -26.46
N MET H 59 -26.64 -18.85 -25.53
CA MET H 59 -26.29 -18.63 -24.14
C MET H 59 -24.80 -18.85 -23.90
N SER H 60 -24.10 -19.24 -24.96
CA SER H 60 -22.66 -19.49 -24.87
C SER H 60 -21.87 -18.40 -25.58
N SER H 61 -22.45 -17.21 -25.66
CA SER H 61 -21.79 -16.09 -26.35
C SER H 61 -21.19 -15.03 -25.44
N GLY H 62 -19.93 -14.69 -25.68
CA GLY H 62 -19.28 -13.68 -24.87
C GLY H 62 -20.22 -12.50 -24.62
N ALA H 63 -21.27 -12.37 -25.44
CA ALA H 63 -22.22 -11.28 -25.30
C ALA H 63 -23.22 -11.54 -24.18
N PHE H 64 -23.75 -12.76 -24.16
CA PHE H 64 -24.73 -13.13 -23.15
C PHE H 64 -24.08 -13.37 -21.80
N HIS H 65 -22.86 -13.91 -21.81
CA HIS H 65 -22.16 -14.17 -20.56
C HIS H 65 -22.01 -12.86 -19.81
N ALA H 66 -21.54 -11.83 -20.49
CA ALA H 66 -21.36 -10.53 -19.84
C ALA H 66 -22.65 -10.07 -19.18
N HIS H 67 -23.79 -10.36 -19.82
CA HIS H 67 -25.06 -9.95 -19.26
C HIS H 67 -25.40 -10.68 -17.96
N THR H 68 -25.17 -11.99 -17.93
CA THR H 68 -25.48 -12.72 -16.71
C THR H 68 -24.52 -12.23 -15.64
N VAL H 69 -23.30 -11.88 -16.03
CA VAL H 69 -22.34 -11.41 -15.06
C VAL H 69 -22.76 -10.06 -14.49
N ARG H 70 -23.24 -9.14 -15.33
CA ARG H 70 -23.64 -7.88 -14.74
C ARG H 70 -24.97 -7.97 -13.97
N VAL H 71 -25.70 -9.07 -14.16
CA VAL H 71 -26.93 -9.27 -13.42
C VAL H 71 -26.45 -9.77 -12.05
N LEU H 72 -25.67 -10.84 -12.09
CA LEU H 72 -25.11 -11.42 -10.89
C LEU H 72 -24.20 -10.43 -10.18
N SER H 73 -23.61 -9.50 -10.94
CA SER H 73 -22.73 -8.49 -10.35
C SER H 73 -23.55 -7.48 -9.55
N GLY H 74 -24.79 -7.24 -10.01
CA GLY H 74 -25.71 -6.32 -9.34
C GLY H 74 -26.26 -6.99 -8.10
N LEU H 75 -26.47 -8.30 -8.18
CA LEU H 75 -26.94 -9.07 -7.04
C LEU H 75 -25.77 -9.29 -6.08
N ASP H 76 -24.57 -8.94 -6.53
CA ASP H 76 -23.33 -9.06 -5.75
C ASP H 76 -23.20 -7.83 -4.86
N MET H 77 -23.61 -6.71 -5.43
CA MET H 77 -23.56 -5.42 -4.78
C MET H 77 -24.64 -5.26 -3.73
N GLY H 78 -25.75 -5.97 -3.93
CA GLY H 78 -26.85 -5.89 -2.98
C GLY H 78 -26.56 -6.72 -1.75
N ILE H 79 -26.17 -7.96 -1.95
CA ILE H 79 -25.85 -8.86 -0.86
C ILE H 79 -24.74 -8.26 0.00
N ASN H 80 -23.75 -7.64 -0.64
CA ASN H 80 -22.59 -7.04 0.04
C ASN H 80 -22.86 -5.67 0.66
N TYR H 81 -24.07 -5.16 0.45
CA TYR H 81 -24.46 -3.87 1.01
C TYR H 81 -25.68 -4.03 1.89
N LEU H 82 -25.97 -5.26 2.28
CA LEU H 82 -27.11 -5.58 3.13
C LEU H 82 -27.03 -4.87 4.47
N ASN H 83 -25.82 -4.59 4.94
CA ASN H 83 -25.65 -3.93 6.24
C ASN H 83 -25.72 -2.43 6.19
N ASP H 84 -26.13 -1.89 5.04
CA ASP H 84 -26.23 -0.45 4.88
C ASP H 84 -27.52 -0.14 4.16
N ALA H 85 -28.62 -0.18 4.91
CA ALA H 85 -29.95 0.10 4.38
C ALA H 85 -29.96 1.38 3.55
N GLY H 86 -29.33 2.41 4.10
CA GLY H 86 -29.28 3.68 3.40
C GLY H 86 -28.95 3.52 1.93
N THR H 87 -27.70 3.16 1.66
CA THR H 87 -27.26 2.99 0.29
C THR H 87 -28.02 1.88 -0.43
N LEU H 88 -28.29 0.79 0.26
CA LEU H 88 -28.99 -0.31 -0.39
C LEU H 88 -30.36 0.10 -0.88
N THR H 89 -31.04 0.96 -0.14
CA THR H 89 -32.36 1.39 -0.57
C THR H 89 -32.23 2.11 -1.90
N SER H 90 -31.25 3.01 -2.00
CA SER H 90 -31.04 3.75 -3.24
C SER H 90 -30.61 2.84 -4.39
N LEU H 91 -29.70 1.91 -4.10
CA LEU H 91 -29.21 0.96 -5.10
C LEU H 91 -30.35 0.13 -5.70
N THR H 92 -31.33 -0.23 -4.87
CA THR H 92 -32.46 -1.01 -5.36
C THR H 92 -33.51 -0.14 -6.03
N ALA H 93 -33.52 1.16 -5.74
CA ALA H 93 -34.51 2.01 -6.37
C ALA H 93 -34.02 2.21 -7.80
N HIS H 94 -32.72 2.46 -7.91
CA HIS H 94 -32.06 2.67 -9.18
C HIS H 94 -32.28 1.47 -10.10
N LEU H 95 -32.21 0.26 -9.53
CA LEU H 95 -32.41 -0.97 -10.30
C LEU H 95 -33.86 -1.19 -10.73
N ALA H 96 -34.79 -0.58 -10.00
CA ALA H 96 -36.20 -0.70 -10.34
C ALA H 96 -36.48 0.23 -11.50
N ALA H 97 -35.99 1.46 -11.40
CA ALA H 97 -36.21 2.44 -12.46
C ALA H 97 -35.84 1.84 -13.81
N GLN H 98 -34.82 0.98 -13.82
CA GLN H 98 -34.37 0.35 -15.06
C GLN H 98 -35.21 -0.84 -15.48
N HIS H 99 -35.40 -1.81 -14.60
CA HIS H 99 -36.18 -2.99 -14.97
C HIS H 99 -37.63 -2.66 -15.30
N VAL H 100 -38.07 -1.47 -14.90
CA VAL H 100 -39.43 -1.03 -15.18
C VAL H 100 -39.45 -0.25 -16.48
N ALA H 101 -38.56 0.74 -16.61
CA ALA H 101 -38.50 1.52 -17.84
C ALA H 101 -38.20 0.57 -19.01
N ARG H 102 -38.19 -0.73 -18.72
CA ARG H 102 -37.94 -1.74 -19.74
C ARG H 102 -39.29 -2.45 -19.92
N THR H 103 -39.63 -2.73 -21.18
CA THR H 103 -40.91 -3.35 -21.49
C THR H 103 -41.01 -4.87 -21.38
N GLY H 104 -42.19 -5.35 -21.02
CA GLY H 104 -42.42 -6.79 -20.92
C GLY H 104 -41.96 -7.48 -19.66
N LEU H 105 -41.32 -6.75 -18.74
CA LEU H 105 -40.85 -7.36 -17.50
C LEU H 105 -41.94 -7.48 -16.46
N LYS H 106 -42.40 -8.70 -16.20
CA LYS H 106 -43.43 -8.94 -15.19
C LYS H 106 -42.81 -9.31 -13.85
N ALA H 107 -43.39 -8.79 -12.77
CA ALA H 107 -42.89 -9.06 -11.43
C ALA H 107 -42.77 -10.55 -11.16
N VAL H 108 -43.73 -11.31 -11.69
CA VAL H 108 -43.74 -12.75 -11.50
C VAL H 108 -42.46 -13.35 -12.05
N TYR H 109 -41.81 -12.64 -12.95
CA TYR H 109 -40.55 -13.12 -13.52
C TYR H 109 -39.48 -13.13 -12.43
N PHE H 110 -39.41 -12.05 -11.66
CA PHE H 110 -38.45 -11.99 -10.58
C PHE H 110 -38.72 -13.09 -9.58
N ASP H 111 -39.99 -13.28 -9.24
CA ASP H 111 -40.34 -14.35 -8.32
C ASP H 111 -39.73 -15.62 -8.85
N ALA H 112 -39.78 -15.79 -10.17
CA ALA H 112 -39.19 -16.97 -10.80
C ALA H 112 -37.70 -16.97 -10.51
N MET H 113 -37.04 -15.84 -10.71
CA MET H 113 -35.60 -15.72 -10.45
C MET H 113 -35.28 -16.05 -9.00
N GLY H 114 -36.20 -15.68 -8.11
CA GLY H 114 -36.00 -15.94 -6.70
C GLY H 114 -35.95 -17.44 -6.45
N LYS H 115 -37.00 -18.14 -6.87
CA LYS H 115 -37.06 -19.60 -6.69
C LYS H 115 -35.88 -20.29 -7.35
N VAL H 116 -35.42 -19.76 -8.48
CA VAL H 116 -34.27 -20.32 -9.18
C VAL H 116 -33.04 -20.29 -8.27
N LEU H 117 -32.73 -19.08 -7.80
CA LEU H 117 -31.59 -18.87 -6.91
C LEU H 117 -31.72 -19.75 -5.68
N MET H 118 -32.88 -19.70 -5.02
CA MET H 118 -33.11 -20.52 -3.83
C MET H 118 -32.82 -22.00 -4.07
N THR H 119 -33.05 -22.45 -5.30
CA THR H 119 -32.85 -23.85 -5.65
C THR H 119 -31.44 -24.10 -6.17
N VAL H 120 -30.94 -23.16 -6.95
CA VAL H 120 -29.61 -23.31 -7.51
C VAL H 120 -28.47 -23.19 -6.51
N LEU H 121 -28.46 -22.11 -5.74
CA LEU H 121 -27.35 -21.88 -4.83
C LEU H 121 -26.97 -22.97 -3.87
N PRO H 122 -27.96 -23.59 -3.22
CA PRO H 122 -27.63 -24.66 -2.28
C PRO H 122 -26.83 -25.79 -2.87
N SER H 123 -26.67 -25.79 -4.19
CA SER H 123 -25.88 -26.82 -4.83
C SER H 123 -24.41 -26.38 -4.84
N LEU H 124 -24.19 -25.08 -4.68
CA LEU H 124 -22.84 -24.51 -4.68
C LEU H 124 -22.30 -24.19 -3.27
N ILE H 125 -23.17 -23.66 -2.41
CA ILE H 125 -22.83 -23.28 -1.02
C ILE H 125 -22.93 -24.39 0.04
N ASP H 126 -21.96 -24.41 0.97
CA ASP H 126 -21.95 -25.39 2.05
C ASP H 126 -22.97 -25.01 3.11
N ASN H 127 -23.80 -25.97 3.52
CA ASN H 127 -24.79 -25.74 4.54
C ASN H 127 -25.60 -24.48 4.27
N PHE H 128 -25.94 -24.25 3.01
CA PHE H 128 -26.73 -23.09 2.60
C PHE H 128 -27.88 -22.89 3.58
N ASN H 129 -28.13 -21.65 3.99
CA ASN H 129 -29.21 -21.39 4.93
C ASN H 129 -30.42 -20.73 4.26
N PRO H 130 -31.45 -21.52 3.94
CA PRO H 130 -32.67 -21.04 3.28
C PRO H 130 -33.38 -19.88 3.98
N ASP H 131 -33.44 -19.92 5.30
CA ASP H 131 -34.11 -18.88 6.08
C ASP H 131 -33.41 -17.52 6.08
N ALA H 132 -32.14 -17.50 6.44
CA ALA H 132 -31.36 -16.26 6.46
C ALA H 132 -31.48 -15.63 5.08
N TRP H 133 -31.28 -16.42 4.03
CA TRP H 133 -31.39 -15.91 2.66
C TRP H 133 -32.78 -15.39 2.34
N ARG H 134 -33.81 -16.14 2.72
CA ARG H 134 -35.16 -15.71 2.45
C ARG H 134 -35.38 -14.32 3.07
N ASN H 135 -35.06 -14.16 4.35
CA ASN H 135 -35.24 -12.88 5.03
C ASN H 135 -34.44 -11.76 4.38
N CYS H 136 -33.29 -12.08 3.78
CA CYS H 136 -32.49 -11.05 3.13
C CYS H 136 -32.82 -10.89 1.65
N LEU H 137 -32.99 -12.01 0.96
CA LEU H 137 -33.25 -11.99 -0.48
C LEU H 137 -34.60 -11.46 -0.92
N LEU H 138 -35.66 -11.84 -0.21
CA LEU H 138 -37.00 -11.37 -0.56
C LEU H 138 -37.06 -9.84 -0.61
N PRO H 139 -36.65 -9.16 0.47
CA PRO H 139 -36.68 -7.70 0.43
C PRO H 139 -36.00 -7.16 -0.84
N LEU H 140 -34.85 -7.73 -1.18
CA LEU H 140 -34.14 -7.32 -2.36
C LEU H 140 -35.00 -7.46 -3.61
N LYS H 141 -35.53 -8.67 -3.84
CA LYS H 141 -36.40 -8.90 -5.00
C LYS H 141 -37.46 -7.80 -5.08
N ASN H 142 -38.41 -7.81 -4.15
CA ASN H 142 -39.49 -6.82 -4.10
C ASN H 142 -39.04 -5.36 -4.24
N ALA H 143 -37.86 -5.05 -3.72
CA ALA H 143 -37.32 -3.70 -3.80
C ALA H 143 -36.87 -3.40 -5.22
N ILE H 144 -36.23 -4.37 -5.85
CA ILE H 144 -35.76 -4.22 -7.23
C ILE H 144 -36.93 -4.20 -8.20
N ALA H 145 -37.81 -5.20 -8.04
CA ALA H 145 -38.98 -5.38 -8.90
C ALA H 145 -40.21 -4.63 -8.38
N LYS H 146 -39.99 -3.45 -7.83
CA LYS H 146 -41.09 -2.64 -7.32
C LYS H 146 -41.59 -1.75 -8.46
N GLY H 147 -42.66 -2.18 -9.11
CA GLY H 147 -43.24 -1.43 -10.21
C GLY H 147 -43.54 -2.34 -11.38
N LEU H 148 -42.95 -3.53 -11.34
CA LEU H 148 -43.15 -4.49 -12.42
C LEU H 148 -44.55 -5.08 -12.36
N PRO H 149 -45.34 -4.90 -13.42
CA PRO H 149 -46.70 -5.42 -13.51
C PRO H 149 -46.72 -6.94 -13.35
#